data_6WU0
#
_entry.id   6WU0
#
_cell.length_a   1.00
_cell.length_b   1.00
_cell.length_c   1.00
_cell.angle_alpha   90.00
_cell.angle_beta   90.00
_cell.angle_gamma   90.00
#
_symmetry.space_group_name_H-M   'P 1'
#
_entity_poly.entity_id   1
_entity_poly.type   'polypeptide(L)'
_entity_poly.pdbx_seq_one_letter_code
;MLTSVLVRLVAWSVRRPIWVVVLSLVIAALSSVYVAHHFKINTDISKLVENDPKWAALGRAIDDAFPQRNQTILAVVEAP
APEFAGAAADALAEGLRRETEAGRIGQVSEPAGGPLFEHDGLLFLPEQDVATTTAQLASARPLINVLAKDPSIAGLATTL
STTLGVPLQSGQVKLSGMAKLLSRSAATVDDVLAGKPAAFSWRALVDADAAREPARAFVTVQPVVNYGALKAGEQASRTI
RATAQALKLDERFGAAVRLTGEQPLADEEFASVQDGALVNGIATLAIVLVILWIALRSKRMIASVFVTLFVGLVVTAALG
LMMVGSLNMISVAFMVLFVGLGVDFAIQYGVKYREERHRDPNLDHALVGAAHAMGMPLTLATAAVAASFFSFLPTAYRGV
SELGLIAGVGMFVALFTTLTLLPALLKLLAPPGERKPPGFPRLAPVDDYLDHHRKPILIGTLAVVIGALPLLAHLRFDFN
PLHLKDPRSESMATLLALKDSPEASVNDVSLLAPSLVAANAAAQRLGALPEVGRTTTLSTFIPDAQPQKLATIAAAARGL
LPALTQPAAAPVPDAQRVAALKRASNLLEYASEDYPGPGAAAAKHLSESLAKLAAADAATRERAEHAFSVPLKIALNQLA
MLLQPLEITRENLPPQIVRDWIAPDGRALVQISPKVVKGADPGDDAMLRRFAKAVKAAEPGAIGGPISILHSADTIIRAF
LQAAALSVVSITVLLWITLRRFGDVLRTLVPLLVSGVVTLELCVLLGMPLNFANIIALPLMLGVGVAFKVYFVMAWRAGQ
TGLLQSSLTHAVLFSAATTATAFGSLWLSHHPGTASMGRLLALALSCTLIGAVVFQPVLMGKPRTKRVTNQSQGIDE
;
_entity_poly.pdbx_strand_id   B
#
# COMPACT_ATOMS: atom_id res chain seq x y z
N MET A 1 -1.17 -15.07 50.81
CA MET A 1 -0.35 -14.80 49.63
C MET A 1 -1.18 -15.00 48.36
N LEU A 2 -0.57 -14.69 47.21
CA LEU A 2 -1.28 -14.78 45.94
C LEU A 2 -1.82 -16.19 45.70
N THR A 3 -0.99 -17.20 45.98
CA THR A 3 -1.43 -18.58 45.79
C THR A 3 -2.65 -18.87 46.66
N SER A 4 -2.58 -18.51 47.94
CA SER A 4 -3.68 -18.79 48.86
C SER A 4 -4.94 -18.05 48.44
N VAL A 5 -4.82 -16.78 48.07
CA VAL A 5 -5.98 -15.99 47.67
C VAL A 5 -6.61 -16.58 46.42
N LEU A 6 -5.78 -16.97 45.44
CA LEU A 6 -6.33 -17.49 44.19
C LEU A 6 -6.99 -18.85 44.39
N VAL A 7 -6.37 -19.73 45.19
CA VAL A 7 -7.00 -21.03 45.41
C VAL A 7 -8.27 -20.87 46.24
N ARG A 8 -8.30 -19.90 47.15
CA ARG A 8 -9.52 -19.65 47.92
C ARG A 8 -10.62 -19.12 47.02
N LEU A 9 -10.28 -18.25 46.07
CA LEU A 9 -11.29 -17.72 45.15
C LEU A 9 -11.83 -18.81 44.24
N VAL A 10 -10.95 -19.66 43.72
CA VAL A 10 -11.44 -20.73 42.84
C VAL A 10 -12.25 -21.74 43.65
N ALA A 11 -11.86 -22.01 44.89
CA ALA A 11 -12.61 -22.96 45.71
C ALA A 11 -13.95 -22.38 46.15
N TRP A 12 -14.03 -21.06 46.32
CA TRP A 12 -15.30 -20.43 46.65
C TRP A 12 -16.21 -20.37 45.44
N SER A 13 -15.65 -20.24 44.24
CA SER A 13 -16.44 -20.39 43.03
C SER A 13 -16.94 -21.82 42.87
N VAL A 14 -16.09 -22.79 43.18
CA VAL A 14 -16.53 -24.19 43.21
C VAL A 14 -17.68 -24.36 44.20
N ARG A 15 -17.58 -23.72 45.37
CA ARG A 15 -18.68 -23.76 46.33
C ARG A 15 -19.94 -23.12 45.77
N ARG A 16 -19.82 -22.36 44.69
CA ARG A 16 -21.02 -21.91 44.00
C ARG A 16 -21.40 -22.94 42.93
N PRO A 17 -22.68 -23.24 42.78
CA PRO A 17 -23.11 -24.27 41.82
C PRO A 17 -23.01 -23.81 40.37
N ILE A 18 -23.61 -24.58 39.46
CA ILE A 18 -23.74 -24.25 38.04
C ILE A 18 -24.21 -22.81 37.87
N TRP A 19 -24.81 -22.24 38.92
CA TRP A 19 -25.08 -20.81 39.01
C TRP A 19 -23.97 -19.97 38.38
N VAL A 20 -22.72 -20.30 38.68
CA VAL A 20 -21.59 -19.63 38.04
C VAL A 20 -21.65 -19.78 36.53
N VAL A 21 -21.98 -20.98 36.04
CA VAL A 21 -21.98 -21.24 34.61
C VAL A 21 -23.09 -20.46 33.92
N VAL A 22 -24.29 -20.45 34.51
CA VAL A 22 -25.40 -19.71 33.90
C VAL A 22 -25.16 -18.21 33.98
N LEU A 23 -24.49 -17.75 35.05
CA LEU A 23 -24.13 -16.34 35.12
C LEU A 23 -23.10 -15.99 34.06
N SER A 24 -22.14 -16.89 33.80
CA SER A 24 -21.20 -16.68 32.72
C SER A 24 -21.90 -16.65 31.37
N LEU A 25 -22.91 -17.50 31.20
CA LEU A 25 -23.69 -17.49 29.97
C LEU A 25 -24.39 -16.14 29.77
N VAL A 26 -25.03 -15.64 30.83
CA VAL A 26 -25.74 -14.36 30.72
C VAL A 26 -24.76 -13.22 30.47
N ILE A 27 -23.61 -13.23 31.15
CA ILE A 27 -22.62 -12.18 30.95
C ILE A 27 -22.07 -12.21 29.53
N ALA A 28 -21.77 -13.41 29.02
CA ALA A 28 -21.31 -13.52 27.64
C ALA A 28 -22.39 -13.08 26.66
N ALA A 29 -23.65 -13.35 26.98
CA ALA A 29 -24.74 -12.93 26.10
C ALA A 29 -24.83 -11.41 26.03
N LEU A 30 -24.78 -10.73 27.19
CA LEU A 30 -24.86 -9.28 27.16
C LEU A 30 -23.61 -8.66 26.54
N SER A 31 -22.45 -9.32 26.72
CA SER A 31 -21.23 -8.82 26.09
C SER A 31 -21.30 -8.95 24.57
N SER A 32 -21.86 -10.06 24.08
CA SER A 32 -22.06 -10.20 22.65
C SER A 32 -23.09 -9.21 22.14
N VAL A 33 -24.11 -8.90 22.95
CA VAL A 33 -25.07 -7.87 22.59
C VAL A 33 -24.37 -6.53 22.43
N TYR A 34 -23.45 -6.21 23.35
CA TYR A 34 -22.70 -4.97 23.25
C TYR A 34 -21.78 -4.98 22.03
N VAL A 35 -21.19 -6.14 21.73
CA VAL A 35 -20.31 -6.25 20.56
C VAL A 35 -21.09 -5.97 19.29
N ALA A 36 -22.17 -6.71 19.08
CA ALA A 36 -23.02 -6.48 17.90
C ALA A 36 -23.67 -5.11 17.93
N HIS A 37 -23.70 -4.45 19.09
CA HIS A 37 -24.26 -3.11 19.17
C HIS A 37 -23.29 -2.06 18.59
N HIS A 38 -21.99 -2.29 18.73
CA HIS A 38 -20.99 -1.34 18.24
C HIS A 38 -19.73 -2.10 17.83
N PHE A 39 -19.63 -2.40 16.53
CA PHE A 39 -18.40 -2.99 15.99
C PHE A 39 -17.44 -1.90 15.54
N LYS A 40 -17.88 -1.06 14.60
CA LYS A 40 -17.21 0.19 14.26
C LYS A 40 -15.75 -0.03 13.85
N ILE A 41 -15.57 -0.74 12.74
CA ILE A 41 -14.25 -0.96 12.17
C ILE A 41 -13.77 0.34 11.53
N ASN A 42 -12.55 0.76 11.88
CA ASN A 42 -11.95 1.97 11.33
C ASN A 42 -10.61 1.62 10.70
N THR A 43 -10.19 2.46 9.75
CA THR A 43 -8.96 2.21 8.99
C THR A 43 -8.17 3.50 8.77
N ASP A 44 -8.28 4.45 9.69
CA ASP A 44 -7.53 5.70 9.57
C ASP A 44 -6.03 5.42 9.58
N ILE A 45 -5.30 6.16 8.73
CA ILE A 45 -3.86 5.98 8.61
C ILE A 45 -3.07 7.07 9.33
N SER A 46 -3.66 8.25 9.55
CA SER A 46 -2.98 9.33 10.24
C SER A 46 -3.25 9.33 11.74
N LYS A 47 -4.11 8.46 12.24
CA LYS A 47 -4.41 8.40 13.66
C LYS A 47 -3.48 7.46 14.41
N LEU A 48 -3.07 6.36 13.78
CA LEU A 48 -2.25 5.36 14.46
C LEU A 48 -0.81 5.83 14.70
N VAL A 49 -0.46 7.05 14.31
CA VAL A 49 0.85 7.64 14.61
C VAL A 49 0.57 9.08 15.03
N GLU A 50 0.69 9.35 16.33
CA GLU A 50 0.46 10.69 16.81
C GLU A 50 1.65 11.60 16.49
N ASN A 51 1.37 12.88 16.36
CA ASN A 51 2.39 13.88 16.06
C ASN A 51 2.37 14.97 17.14
N ASP A 52 3.52 15.62 17.31
CA ASP A 52 3.66 16.68 18.29
C ASP A 52 2.73 17.84 17.95
N PRO A 53 2.44 18.71 18.92
CA PRO A 53 1.59 19.87 18.61
C PRO A 53 2.14 20.77 17.52
N LYS A 54 3.47 20.74 17.30
CA LYS A 54 4.06 21.62 16.30
C LYS A 54 3.60 21.23 14.90
N TRP A 55 3.73 19.95 14.54
CA TRP A 55 3.33 19.53 13.20
C TRP A 55 1.81 19.56 13.03
N ALA A 56 1.07 19.33 14.12
CA ALA A 56 -0.38 19.43 14.04
C ALA A 56 -0.81 20.87 13.83
N ALA A 57 -0.04 21.83 14.36
CA ALA A 57 -0.36 23.25 14.22
C ALA A 57 -0.17 23.71 12.78
N LEU A 58 0.47 22.87 11.96
CA LEU A 58 0.59 23.13 10.52
C LEU A 58 -0.36 22.28 9.70
N GLY A 59 -0.62 21.05 10.12
CA GLY A 59 -1.66 20.26 9.48
C GLY A 59 -3.02 20.93 9.58
N ARG A 60 -3.30 21.57 10.72
CA ARG A 60 -4.56 22.29 10.88
C ARG A 60 -4.61 23.50 9.96
N ALA A 61 -3.49 24.17 9.74
CA ALA A 61 -3.45 25.28 8.78
C ALA A 61 -3.71 24.77 7.37
N ILE A 62 -3.11 23.63 7.02
CA ILE A 62 -3.36 23.01 5.72
C ILE A 62 -4.85 22.72 5.54
N ASP A 63 -5.47 22.17 6.59
CA ASP A 63 -6.89 21.80 6.50
C ASP A 63 -7.76 23.06 6.38
N ASP A 64 -7.52 24.04 7.24
CA ASP A 64 -8.38 25.22 7.29
C ASP A 64 -8.23 26.08 6.04
N ALA A 65 -7.01 26.21 5.51
CA ALA A 65 -6.78 27.11 4.40
C ALA A 65 -7.28 26.53 3.09
N PHE A 66 -6.96 25.27 2.82
CA PHE A 66 -7.28 24.62 1.54
C PHE A 66 -8.03 23.32 1.81
N PRO A 67 -9.36 23.37 1.82
CA PRO A 67 -10.14 22.15 2.09
C PRO A 67 -10.26 21.23 0.89
N GLN A 68 -10.23 21.80 -0.32
CA GLN A 68 -10.48 21.03 -1.53
C GLN A 68 -9.29 20.18 -1.97
N ARG A 69 -8.27 20.03 -1.14
CA ARG A 69 -7.06 19.32 -1.51
C ARG A 69 -6.73 18.13 -0.62
N ASN A 70 -7.24 18.09 0.61
CA ASN A 70 -6.81 17.06 1.55
C ASN A 70 -7.53 15.73 1.35
N GLN A 71 -8.61 15.72 0.57
CA GLN A 71 -9.41 14.51 0.40
C GLN A 71 -9.78 14.29 -1.06
N THR A 72 -9.04 14.91 -1.98
CA THR A 72 -9.40 14.86 -3.39
C THR A 72 -9.22 13.45 -3.97
N ILE A 73 -9.79 13.25 -5.15
CA ILE A 73 -9.72 12.00 -5.87
C ILE A 73 -9.12 12.28 -7.24
N LEU A 74 -8.12 11.48 -7.63
CA LEU A 74 -7.43 11.65 -8.89
C LEU A 74 -7.81 10.53 -9.84
N ALA A 75 -8.24 10.89 -11.05
CA ALA A 75 -8.64 9.94 -12.06
C ALA A 75 -7.65 9.96 -13.22
N VAL A 76 -7.34 8.78 -13.74
CA VAL A 76 -6.35 8.62 -14.81
C VAL A 76 -7.01 7.86 -15.95
N VAL A 77 -6.91 8.41 -17.16
CA VAL A 77 -7.37 7.75 -18.38
C VAL A 77 -6.15 7.40 -19.21
N GLU A 78 -6.16 6.20 -19.80
CA GLU A 78 -5.02 5.69 -20.55
C GLU A 78 -5.49 5.29 -21.94
N ALA A 79 -4.88 5.89 -22.96
CA ALA A 79 -5.20 5.62 -24.35
C ALA A 79 -3.91 5.38 -25.11
N PRO A 80 -3.95 4.60 -26.20
CA PRO A 80 -2.73 4.35 -26.99
C PRO A 80 -2.23 5.55 -27.76
N ALA A 81 -2.91 6.70 -27.69
CA ALA A 81 -2.49 7.90 -28.38
C ALA A 81 -2.78 9.11 -27.52
N PRO A 82 -1.92 10.13 -27.55
CA PRO A 82 -2.15 11.32 -26.71
C PRO A 82 -3.42 12.08 -27.09
N GLU A 83 -3.77 12.13 -28.37
CA GLU A 83 -4.98 12.82 -28.79
C GLU A 83 -6.22 12.16 -28.19
N PHE A 84 -6.30 10.83 -28.26
CA PHE A 84 -7.41 10.11 -27.66
C PHE A 84 -7.46 10.34 -26.15
N ALA A 85 -6.28 10.41 -25.51
CA ALA A 85 -6.24 10.65 -24.08
C ALA A 85 -6.81 12.00 -23.73
N GLY A 86 -6.40 13.04 -24.46
CA GLY A 86 -6.93 14.37 -24.21
C GLY A 86 -8.42 14.47 -24.48
N ALA A 87 -8.89 13.82 -25.55
CA ALA A 87 -10.31 13.82 -25.85
C ALA A 87 -11.11 13.15 -24.73
N ALA A 88 -10.63 12.00 -24.26
CA ALA A 88 -11.30 11.31 -23.16
C ALA A 88 -11.29 12.15 -21.90
N ALA A 89 -10.18 12.85 -21.64
CA ALA A 89 -10.10 13.70 -20.46
C ALA A 89 -11.13 14.82 -20.53
N ASP A 90 -11.23 15.49 -21.68
CA ASP A 90 -12.20 16.58 -21.81
C ASP A 90 -13.63 16.06 -21.71
N ALA A 91 -13.90 14.90 -22.31
CA ALA A 91 -15.24 14.33 -22.22
C ALA A 91 -15.60 13.98 -20.77
N LEU A 92 -14.66 13.37 -20.05
CA LEU A 92 -14.90 13.06 -18.64
C LEU A 92 -15.11 14.33 -17.84
N ALA A 93 -14.37 15.40 -18.17
CA ALA A 93 -14.51 16.65 -17.44
C ALA A 93 -15.89 17.25 -17.64
N GLU A 94 -16.35 17.34 -18.90
CA GLU A 94 -17.67 17.91 -19.13
C GLU A 94 -18.77 17.03 -18.55
N GLY A 95 -18.60 15.71 -18.61
CA GLY A 95 -19.58 14.82 -18.02
C GLY A 95 -19.67 14.97 -16.51
N LEU A 96 -18.52 15.06 -15.84
CA LEU A 96 -18.54 15.27 -14.40
C LEU A 96 -19.08 16.64 -14.03
N ARG A 97 -18.84 17.66 -14.86
CA ARG A 97 -19.42 18.97 -14.61
C ARG A 97 -20.94 18.92 -14.69
N ARG A 98 -21.47 18.24 -15.72
CA ARG A 98 -22.91 18.09 -15.82
C ARG A 98 -23.46 17.27 -14.66
N GLU A 99 -22.67 16.31 -14.17
CA GLU A 99 -23.10 15.51 -13.03
C GLU A 99 -23.15 16.34 -11.75
N THR A 100 -22.18 17.23 -11.56
CA THR A 100 -22.09 18.03 -10.35
C THR A 100 -23.09 19.17 -10.34
N GLU A 101 -23.37 19.77 -11.51
CA GLU A 101 -24.26 20.92 -11.58
C GLU A 101 -25.61 20.66 -10.90
N ALA A 102 -26.10 19.42 -10.98
CA ALA A 102 -27.35 19.07 -10.33
C ALA A 102 -27.23 18.96 -8.81
N GLY A 103 -26.04 19.12 -8.25
CA GLY A 103 -25.86 19.08 -6.82
C GLY A 103 -25.81 17.69 -6.24
N ARG A 104 -25.03 16.80 -6.85
CA ARG A 104 -24.88 15.43 -6.36
C ARG A 104 -23.51 15.20 -5.74
N ILE A 105 -22.44 15.50 -6.48
CA ILE A 105 -21.08 15.38 -5.98
C ILE A 105 -20.37 16.73 -6.14
N GLY A 106 -19.15 16.80 -5.63
CA GLY A 106 -18.41 18.05 -5.64
C GLY A 106 -17.97 18.48 -7.02
N GLN A 107 -17.33 19.64 -7.06
CA GLN A 107 -16.85 20.22 -8.31
C GLN A 107 -15.60 19.49 -8.80
N VAL A 108 -15.42 19.49 -10.11
CA VAL A 108 -14.32 18.80 -10.75
C VAL A 108 -13.22 19.83 -11.04
N SER A 109 -12.00 19.33 -11.23
CA SER A 109 -10.85 20.16 -11.54
C SER A 109 -9.96 19.44 -12.53
N GLU A 110 -9.54 20.13 -13.58
CA GLU A 110 -8.79 19.50 -14.66
C GLU A 110 -7.32 19.93 -14.54
N PRO A 111 -6.42 19.08 -14.04
CA PRO A 111 -5.06 19.55 -13.78
C PRO A 111 -4.20 19.70 -15.02
N ALA A 112 -4.42 18.88 -16.05
CA ALA A 112 -3.58 18.95 -17.24
C ALA A 112 -3.70 20.28 -17.97
N GLY A 113 -4.79 21.01 -17.74
CA GLY A 113 -4.93 22.35 -18.29
C GLY A 113 -6.34 22.71 -18.69
N GLY A 114 -6.84 23.83 -18.18
CA GLY A 114 -8.19 24.26 -18.44
C GLY A 114 -8.33 24.91 -19.80
N PRO A 115 -9.46 25.57 -20.03
CA PRO A 115 -9.70 26.15 -21.36
C PRO A 115 -8.62 27.13 -21.79
N LEU A 116 -8.22 28.04 -20.91
CA LEU A 116 -7.14 28.97 -21.26
C LEU A 116 -5.81 28.24 -21.38
N PHE A 117 -5.58 27.24 -20.53
CA PHE A 117 -4.35 26.46 -20.63
C PHE A 117 -4.28 25.70 -21.94
N GLU A 118 -5.42 25.20 -22.43
CA GLU A 118 -5.43 24.50 -23.71
C GLU A 118 -5.30 25.46 -24.88
N HIS A 119 -5.96 26.62 -24.80
CA HIS A 119 -5.82 27.62 -25.86
C HIS A 119 -4.43 28.24 -25.84
N ASP A 120 -3.83 28.38 -24.66
CA ASP A 120 -2.50 28.96 -24.51
C ASP A 120 -1.44 27.91 -24.21
N GLY A 121 -1.55 26.73 -24.81
CA GLY A 121 -0.61 25.66 -24.55
C GLY A 121 0.70 25.82 -25.28
N LEU A 122 1.05 27.05 -25.65
CA LEU A 122 2.31 27.34 -26.32
C LEU A 122 3.12 28.44 -25.66
N LEU A 123 2.55 29.17 -24.70
CA LEU A 123 3.26 30.24 -24.03
C LEU A 123 4.15 29.76 -22.89
N PHE A 124 4.05 28.49 -22.51
CA PHE A 124 4.78 27.94 -21.37
C PHE A 124 6.08 27.26 -21.76
N LEU A 125 6.73 27.72 -22.83
CA LEU A 125 8.00 27.19 -23.27
C LEU A 125 8.94 28.34 -23.59
N PRO A 126 10.25 28.12 -23.51
CA PRO A 126 11.20 29.17 -23.89
C PRO A 126 10.99 29.62 -25.33
N GLU A 127 11.40 30.86 -25.61
CA GLU A 127 11.15 31.43 -26.93
C GLU A 127 11.85 30.63 -28.03
N GLN A 128 13.01 30.06 -27.73
CA GLN A 128 13.76 29.33 -28.75
C GLN A 128 12.97 28.12 -29.25
N ASP A 129 12.48 27.28 -28.34
CA ASP A 129 11.81 26.06 -28.73
C ASP A 129 10.53 26.36 -29.51
N VAL A 130 9.72 27.30 -29.02
CA VAL A 130 8.47 27.62 -29.71
C VAL A 130 8.77 28.25 -31.07
N ALA A 131 9.82 29.06 -31.16
CA ALA A 131 10.19 29.67 -32.44
C ALA A 131 10.58 28.60 -33.45
N THR A 132 11.42 27.64 -33.02
CA THR A 132 11.82 26.57 -33.93
C THR A 132 10.62 25.72 -34.34
N THR A 133 9.71 25.42 -33.41
CA THR A 133 8.55 24.62 -33.77
C THR A 133 7.66 25.35 -34.76
N THR A 134 7.46 26.66 -34.54
CA THR A 134 6.63 27.43 -35.47
C THR A 134 7.27 27.52 -36.84
N ALA A 135 8.59 27.73 -36.90
CA ALA A 135 9.27 27.78 -38.18
C ALA A 135 9.20 26.43 -38.89
N GLN A 136 9.32 25.33 -38.14
CA GLN A 136 9.22 24.01 -38.73
C GLN A 136 7.83 23.77 -39.30
N LEU A 137 6.80 24.15 -38.55
CA LEU A 137 5.44 23.97 -39.04
C LEU A 137 5.17 24.86 -40.25
N ALA A 138 5.76 26.05 -40.28
CA ALA A 138 5.59 26.93 -41.43
C ALA A 138 6.27 26.37 -42.66
N SER A 139 7.46 25.77 -42.48
CA SER A 139 8.16 25.17 -43.61
C SER A 139 7.35 24.03 -44.20
N ALA A 140 6.61 23.30 -43.36
CA ALA A 140 5.82 22.16 -43.79
C ALA A 140 4.43 22.55 -44.28
N ARG A 141 4.23 23.80 -44.69
CA ARG A 141 2.91 24.24 -45.11
C ARG A 141 2.37 23.46 -46.31
N PRO A 142 3.12 23.22 -47.39
CA PRO A 142 2.53 22.44 -48.49
C PRO A 142 2.18 21.02 -48.07
N LEU A 143 3.03 20.37 -47.28
CA LEU A 143 2.76 19.00 -46.86
C LEU A 143 1.57 18.95 -45.91
N ILE A 144 1.50 19.86 -44.95
CA ILE A 144 0.37 19.86 -44.02
C ILE A 144 -0.91 20.22 -44.75
N ASN A 145 -0.81 21.02 -45.81
CA ASN A 145 -2.00 21.35 -46.60
C ASN A 145 -2.49 20.14 -47.37
N VAL A 146 -1.58 19.45 -48.09
CA VAL A 146 -1.99 18.28 -48.85
C VAL A 146 -2.37 17.13 -47.94
N LEU A 147 -1.99 17.18 -46.67
CA LEU A 147 -2.39 16.15 -45.72
C LEU A 147 -3.76 16.43 -45.10
N ALA A 148 -3.95 17.63 -44.56
CA ALA A 148 -5.19 17.95 -43.85
C ALA A 148 -6.38 18.04 -44.78
N LYS A 149 -6.16 18.42 -46.04
CA LYS A 149 -7.27 18.58 -46.96
C LYS A 149 -7.90 17.24 -47.33
N ASP A 150 -7.12 16.16 -47.38
CA ASP A 150 -7.62 14.83 -47.68
C ASP A 150 -7.24 13.88 -46.56
N PRO A 151 -7.92 13.99 -45.40
CA PRO A 151 -7.58 13.14 -44.25
C PRO A 151 -8.09 11.71 -44.35
N SER A 152 -8.80 11.35 -45.42
CA SER A 152 -9.28 9.99 -45.58
C SER A 152 -8.10 9.03 -45.74
N ILE A 153 -8.28 7.81 -45.24
CA ILE A 153 -7.22 6.81 -45.36
C ILE A 153 -6.88 6.58 -46.83
N ALA A 154 -7.89 6.57 -47.71
CA ALA A 154 -7.62 6.48 -49.13
C ALA A 154 -6.88 7.72 -49.63
N GLY A 155 -7.36 8.90 -49.24
CA GLY A 155 -6.66 10.12 -49.59
C GLY A 155 -5.27 10.21 -48.98
N LEU A 156 -5.11 9.69 -47.76
CA LEU A 156 -3.79 9.66 -47.14
C LEU A 156 -2.84 8.78 -47.93
N ALA A 157 -3.29 7.59 -48.34
CA ALA A 157 -2.46 6.75 -49.17
C ALA A 157 -2.16 7.40 -50.51
N THR A 158 -3.12 8.12 -51.07
CA THR A 158 -2.93 8.77 -52.36
C THR A 158 -1.87 9.87 -52.26
N THR A 159 -1.96 10.71 -51.22
CA THR A 159 -0.96 11.77 -51.09
C THR A 159 0.40 11.19 -50.74
N LEU A 160 0.44 10.09 -49.98
CA LEU A 160 1.73 9.45 -49.71
C LEU A 160 2.35 8.91 -50.99
N SER A 161 1.53 8.31 -51.86
CA SER A 161 2.06 7.80 -53.13
C SER A 161 2.53 8.94 -54.03
N THR A 162 1.79 10.04 -54.06
CA THR A 162 2.18 11.16 -54.91
C THR A 162 3.44 11.84 -54.39
N THR A 163 3.63 11.89 -53.07
CA THR A 163 4.87 12.45 -52.53
C THR A 163 6.00 11.43 -52.50
N LEU A 164 5.71 10.16 -52.73
CA LEU A 164 6.75 9.14 -52.80
C LEU A 164 7.25 8.90 -54.21
N GLY A 165 6.42 9.17 -55.21
CA GLY A 165 6.84 8.96 -56.59
C GLY A 165 7.93 9.90 -57.06
N VAL A 166 7.61 11.17 -57.23
CA VAL A 166 8.54 12.16 -57.79
C VAL A 166 9.54 12.69 -56.77
N PRO A 167 9.11 13.15 -55.58
CA PRO A 167 10.08 13.81 -54.67
C PRO A 167 11.22 12.92 -54.23
N LEU A 168 10.94 11.68 -53.81
CA LEU A 168 11.99 10.80 -53.34
C LEU A 168 13.02 10.52 -54.44
N GLN A 169 12.56 9.93 -55.54
CA GLN A 169 13.46 9.59 -56.64
C GLN A 169 14.06 10.80 -57.32
N SER A 170 13.57 12.01 -57.02
CA SER A 170 14.18 13.21 -57.58
C SER A 170 15.60 13.40 -57.06
N GLY A 171 15.75 13.53 -55.75
CA GLY A 171 17.05 13.72 -55.16
C GLY A 171 17.09 14.78 -54.08
N GLN A 172 15.93 15.35 -53.74
CA GLN A 172 15.88 16.38 -52.72
C GLN A 172 15.55 15.82 -51.33
N VAL A 173 14.88 14.67 -51.26
CA VAL A 173 14.49 14.06 -50.00
C VAL A 173 14.91 12.60 -50.01
N LYS A 174 15.43 12.14 -48.89
CA LYS A 174 15.85 10.75 -48.73
C LYS A 174 14.78 9.94 -48.00
N LEU A 175 14.80 8.63 -48.24
CA LEU A 175 13.83 7.75 -47.61
C LEU A 175 13.98 7.77 -46.09
N SER A 176 15.22 7.83 -45.60
CA SER A 176 15.46 7.78 -44.16
C SER A 176 14.94 9.02 -43.44
N GLY A 177 14.73 10.13 -44.15
CA GLY A 177 14.18 11.32 -43.52
C GLY A 177 12.77 11.11 -43.00
N MET A 178 12.02 10.21 -43.63
CA MET A 178 10.67 9.88 -43.21
C MET A 178 10.52 8.42 -42.79
N ALA A 179 11.62 7.65 -42.80
CA ALA A 179 11.54 6.24 -42.46
C ALA A 179 10.95 6.00 -41.08
N LYS A 180 11.14 6.93 -40.15
CA LYS A 180 10.53 6.80 -38.83
C LYS A 180 9.00 6.79 -38.96
N LEU A 181 8.45 7.77 -39.66
CA LEU A 181 7.02 7.80 -39.93
C LEU A 181 6.57 6.54 -40.67
N LEU A 182 7.36 6.08 -41.64
CA LEU A 182 6.97 4.90 -42.39
C LEU A 182 6.88 3.66 -41.50
N SER A 183 7.87 3.48 -40.63
CA SER A 183 7.87 2.32 -39.74
C SER A 183 6.74 2.41 -38.73
N ARG A 184 6.50 3.60 -38.18
CA ARG A 184 5.41 3.76 -37.22
C ARG A 184 4.07 3.45 -37.88
N SER A 185 3.86 3.96 -39.09
CA SER A 185 2.61 3.69 -39.80
C SER A 185 2.48 2.21 -40.15
N ALA A 186 3.60 1.56 -40.49
CA ALA A 186 3.55 0.13 -40.78
C ALA A 186 3.15 -0.66 -39.54
N ALA A 187 3.71 -0.30 -38.39
CA ALA A 187 3.35 -0.98 -37.15
C ALA A 187 1.87 -0.77 -36.82
N THR A 188 1.38 0.46 -36.98
CA THR A 188 -0.02 0.74 -36.69
C THR A 188 -0.94 -0.02 -37.63
N VAL A 189 -0.59 -0.07 -38.92
CA VAL A 189 -1.41 -0.79 -39.89
C VAL A 189 -1.41 -2.28 -39.58
N ASP A 190 -0.26 -2.84 -39.22
CA ASP A 190 -0.21 -4.25 -38.85
C ASP A 190 -1.06 -4.53 -37.61
N ASP A 191 -1.01 -3.63 -36.63
CA ASP A 191 -1.86 -3.77 -35.45
C ASP A 191 -3.33 -3.75 -35.84
N VAL A 192 -3.70 -2.89 -36.78
CA VAL A 192 -5.09 -2.85 -37.25
C VAL A 192 -5.47 -4.16 -37.93
N LEU A 193 -4.55 -4.70 -38.73
CA LEU A 193 -4.79 -6.01 -39.33
C LEU A 193 -5.01 -7.07 -38.27
N ALA A 194 -4.29 -6.97 -37.15
CA ALA A 194 -4.47 -7.90 -36.04
C ALA A 194 -5.78 -7.71 -35.31
N GLY A 195 -6.55 -6.66 -35.64
CA GLY A 195 -7.82 -6.41 -34.99
C GLY A 195 -7.74 -5.76 -33.63
N LYS A 196 -6.55 -5.66 -33.05
CA LYS A 196 -6.39 -5.07 -31.74
C LYS A 196 -6.70 -3.57 -31.79
N PRO A 197 -7.06 -2.96 -30.66
CA PRO A 197 -7.30 -1.52 -30.66
C PRO A 197 -6.02 -0.74 -30.84
N ALA A 198 -5.82 -0.19 -32.03
CA ALA A 198 -4.61 0.55 -32.38
C ALA A 198 -4.93 2.04 -32.49
N ALA A 199 -3.87 2.83 -32.53
CA ALA A 199 -4.01 4.28 -32.62
C ALA A 199 -2.70 4.88 -33.08
N PHE A 200 -2.75 5.69 -34.13
CA PHE A 200 -1.58 6.41 -34.61
C PHE A 200 -1.49 7.77 -33.93
N SER A 201 -0.27 8.25 -33.76
CA SER A 201 -0.01 9.54 -33.13
C SER A 201 0.66 10.47 -34.13
N TRP A 202 0.05 11.64 -34.35
CA TRP A 202 0.63 12.67 -35.18
C TRP A 202 1.38 13.73 -34.38
N ARG A 203 1.19 13.78 -33.06
CA ARG A 203 1.84 14.79 -32.24
C ARG A 203 3.26 14.40 -31.85
N ALA A 204 3.62 13.12 -31.98
CA ALA A 204 4.96 12.67 -31.64
C ALA A 204 5.98 12.93 -32.74
N LEU A 205 5.57 13.48 -33.88
CA LEU A 205 6.45 13.61 -35.04
C LEU A 205 7.12 14.97 -35.10
N VAL A 206 6.33 16.04 -35.22
CA VAL A 206 6.86 17.37 -35.51
C VAL A 206 6.83 18.27 -34.29
N ASP A 207 5.82 18.12 -33.43
CA ASP A 207 5.72 18.97 -32.25
C ASP A 207 6.82 18.63 -31.24
N ALA A 208 6.84 17.39 -30.77
CA ALA A 208 7.85 16.96 -29.80
C ALA A 208 7.92 15.44 -29.81
N ASP A 209 9.11 14.91 -29.52
CA ASP A 209 9.33 13.48 -29.42
C ASP A 209 9.07 12.94 -28.02
N ALA A 210 8.55 13.76 -27.11
CA ALA A 210 8.29 13.34 -25.74
C ALA A 210 6.88 12.76 -25.61
N ALA A 211 6.61 11.75 -26.43
CA ALA A 211 5.34 11.04 -26.43
C ALA A 211 5.62 9.55 -26.24
N ARG A 212 5.19 9.01 -25.11
CA ARG A 212 5.44 7.63 -24.75
C ARG A 212 4.18 6.79 -24.98
N GLU A 213 4.37 5.47 -25.06
CA GLU A 213 3.23 4.60 -25.29
C GLU A 213 2.21 4.57 -24.15
N PRO A 214 2.55 4.79 -22.87
CA PRO A 214 1.44 4.90 -21.90
C PRO A 214 0.92 6.33 -21.83
N ALA A 215 0.25 6.76 -22.89
CA ALA A 215 -0.31 8.11 -22.95
C ALA A 215 -1.42 8.26 -21.92
N ARG A 216 -1.19 9.09 -20.91
CA ARG A 216 -2.12 9.28 -19.81
C ARG A 216 -2.54 10.73 -19.71
N ALA A 217 -3.83 10.94 -19.42
CA ALA A 217 -4.36 12.25 -19.12
C ALA A 217 -5.03 12.19 -17.77
N PHE A 218 -4.77 13.18 -16.92
CA PHE A 218 -5.19 13.14 -15.52
C PHE A 218 -6.29 14.16 -15.27
N VAL A 219 -7.30 13.75 -14.50
CA VAL A 219 -8.38 14.62 -14.07
C VAL A 219 -8.68 14.32 -12.61
N THR A 220 -8.92 15.36 -11.82
CA THR A 220 -9.15 15.22 -10.39
C THR A 220 -10.49 15.82 -10.01
N VAL A 221 -10.96 15.47 -8.81
CA VAL A 221 -12.24 15.97 -8.32
C VAL A 221 -12.25 15.78 -6.80
N GLN A 222 -12.81 16.79 -6.09
CA GLN A 222 -12.95 16.60 -4.66
C GLN A 222 -14.32 15.99 -4.35
N PRO A 223 -14.41 15.15 -3.32
CA PRO A 223 -15.61 14.34 -3.13
C PRO A 223 -16.83 15.12 -2.63
N VAL A 224 -17.90 14.39 -2.33
CA VAL A 224 -19.17 15.01 -2.00
C VAL A 224 -19.07 15.76 -0.67
N VAL A 225 -19.85 16.84 -0.55
CA VAL A 225 -19.92 17.60 0.70
C VAL A 225 -20.64 16.83 1.80
N ASN A 226 -21.26 15.69 1.46
CA ASN A 226 -21.97 14.84 2.43
C ASN A 226 -23.12 15.60 3.09
N TYR A 227 -24.11 15.95 2.26
CA TYR A 227 -25.30 16.64 2.74
C TYR A 227 -25.96 15.85 3.88
N GLY A 228 -26.27 14.58 3.64
CA GLY A 228 -26.95 13.77 4.63
C GLY A 228 -26.06 12.69 5.22
N ALA A 229 -26.50 11.43 5.08
CA ALA A 229 -25.77 10.29 5.64
C ALA A 229 -25.01 9.50 4.58
N LEU A 230 -24.69 10.13 3.46
CA LEU A 230 -23.94 9.46 2.41
C LEU A 230 -22.51 9.21 2.85
N LYS A 231 -21.88 8.20 2.25
CA LYS A 231 -20.54 7.78 2.63
C LYS A 231 -19.46 8.80 2.29
N ALA A 232 -19.83 9.95 1.72
CA ALA A 232 -18.91 11.04 1.42
C ALA A 232 -17.78 10.59 0.50
N GLY A 233 -18.16 10.21 -0.72
CA GLY A 233 -17.19 9.88 -1.74
C GLY A 233 -17.47 8.62 -2.52
N GLU A 234 -18.09 7.63 -1.87
CA GLU A 234 -18.37 6.37 -2.55
C GLU A 234 -19.34 6.58 -3.70
N GLN A 235 -20.36 7.42 -3.50
CA GLN A 235 -21.30 7.73 -4.57
C GLN A 235 -20.57 8.31 -5.78
N ALA A 236 -19.65 9.25 -5.55
CA ALA A 236 -18.91 9.83 -6.65
C ALA A 236 -17.91 8.84 -7.25
N SER A 237 -17.25 8.05 -6.40
CA SER A 237 -16.29 7.08 -6.89
C SER A 237 -16.96 6.02 -7.76
N ARG A 238 -18.26 5.78 -7.55
CA ARG A 238 -19.01 4.88 -8.42
C ARG A 238 -19.57 5.60 -9.64
N THR A 239 -20.03 6.84 -9.46
CA THR A 239 -20.63 7.59 -10.56
C THR A 239 -19.59 7.94 -11.63
N ILE A 240 -18.32 8.11 -11.25
CA ILE A 240 -17.29 8.35 -12.24
C ILE A 240 -17.21 7.18 -13.21
N ARG A 241 -17.04 5.97 -12.68
CA ARG A 241 -16.97 4.79 -13.54
C ARG A 241 -18.27 4.58 -14.30
N ALA A 242 -19.42 4.85 -13.65
CA ALA A 242 -20.70 4.67 -14.30
C ALA A 242 -20.83 5.57 -15.53
N THR A 243 -20.57 6.86 -15.36
CA THR A 243 -20.66 7.79 -16.48
C THR A 243 -19.57 7.52 -17.53
N ALA A 244 -18.41 7.02 -17.10
CA ALA A 244 -17.38 6.66 -18.06
C ALA A 244 -17.85 5.51 -18.96
N GLN A 245 -18.38 4.46 -18.36
CA GLN A 245 -18.88 3.34 -19.14
C GLN A 245 -20.10 3.74 -19.97
N ALA A 246 -20.91 4.68 -19.49
CA ALA A 246 -22.09 5.11 -20.23
C ALA A 246 -21.72 6.00 -21.41
N LEU A 247 -20.66 6.80 -21.29
CA LEU A 247 -20.22 7.65 -22.39
C LEU A 247 -19.57 6.88 -23.52
N LYS A 248 -19.34 5.57 -23.34
CA LYS A 248 -18.81 4.70 -24.39
C LYS A 248 -17.47 5.23 -24.91
N LEU A 249 -16.48 5.27 -24.02
CA LEU A 249 -15.14 5.67 -24.42
C LEU A 249 -14.30 4.50 -24.92
N ASP A 250 -14.75 3.26 -24.69
CA ASP A 250 -13.99 2.10 -25.14
C ASP A 250 -13.97 1.99 -26.66
N GLU A 251 -14.97 2.52 -27.33
CA GLU A 251 -15.03 2.49 -28.80
C GLU A 251 -14.83 3.85 -29.44
N ARG A 252 -15.38 4.91 -28.83
CA ARG A 252 -15.23 6.24 -29.41
C ARG A 252 -13.79 6.73 -29.32
N PHE A 253 -13.08 6.36 -28.26
CA PHE A 253 -11.67 6.73 -28.10
C PHE A 253 -10.76 5.57 -27.75
N GLY A 254 -11.28 4.45 -27.26
CA GLY A 254 -10.45 3.31 -26.90
C GLY A 254 -9.50 3.62 -25.76
N ALA A 255 -10.04 3.82 -24.57
CA ALA A 255 -9.25 4.19 -23.41
C ALA A 255 -9.74 3.38 -22.21
N ALA A 256 -9.15 3.67 -21.05
CA ALA A 256 -9.53 3.02 -19.80
C ALA A 256 -9.33 4.01 -18.67
N VAL A 257 -10.37 4.19 -17.86
CA VAL A 257 -10.35 5.13 -16.75
C VAL A 257 -9.96 4.40 -15.47
N ARG A 258 -9.09 5.03 -14.68
CA ARG A 258 -8.68 4.52 -13.39
C ARG A 258 -8.96 5.57 -12.32
N LEU A 259 -8.89 5.14 -11.07
CA LEU A 259 -9.10 6.02 -9.94
C LEU A 259 -8.10 5.68 -8.84
N THR A 260 -7.64 6.71 -8.14
CA THR A 260 -6.67 6.51 -7.08
C THR A 260 -6.75 7.69 -6.11
N GLY A 261 -6.16 7.49 -4.94
CA GLY A 261 -6.24 8.47 -3.88
C GLY A 261 -6.33 7.75 -2.54
N GLU A 262 -6.26 8.55 -1.47
CA GLU A 262 -6.27 7.97 -0.13
C GLU A 262 -7.59 7.26 0.16
N GLN A 263 -8.70 7.77 -0.39
CA GLN A 263 -9.99 7.12 -0.15
C GLN A 263 -10.08 5.76 -0.82
N PRO A 264 -9.78 5.60 -2.12
CA PRO A 264 -9.77 4.25 -2.68
C PRO A 264 -8.68 3.37 -2.09
N LEU A 265 -7.55 3.93 -1.66
CA LEU A 265 -6.60 3.14 -0.88
C LEU A 265 -7.26 2.55 0.35
N ALA A 266 -8.03 3.37 1.07
CA ALA A 266 -8.72 2.87 2.26
C ALA A 266 -9.75 1.80 1.91
N ASP A 267 -10.49 1.99 0.82
CA ASP A 267 -11.50 1.00 0.45
C ASP A 267 -10.85 -0.33 0.06
N GLU A 268 -9.80 -0.29 -0.76
CA GLU A 268 -9.14 -1.52 -1.14
C GLU A 268 -8.43 -2.18 0.04
N GLU A 269 -7.94 -1.39 0.99
CA GLU A 269 -7.36 -1.97 2.19
C GLU A 269 -8.41 -2.66 3.04
N PHE A 270 -9.58 -2.03 3.18
CA PHE A 270 -10.71 -2.66 3.85
C PHE A 270 -11.05 -3.99 3.20
N ALA A 271 -11.16 -4.01 1.87
CA ALA A 271 -11.48 -5.23 1.15
C ALA A 271 -10.40 -6.30 1.37
N SER A 272 -9.13 -5.90 1.30
CA SER A 272 -8.03 -6.87 1.42
C SER A 272 -7.97 -7.47 2.82
N VAL A 273 -8.24 -6.66 3.84
CA VAL A 273 -8.20 -7.20 5.21
C VAL A 273 -9.45 -8.00 5.52
N GLN A 274 -10.57 -7.72 4.85
CA GLN A 274 -11.78 -8.49 5.14
C GLN A 274 -11.84 -9.81 4.39
N ASP A 275 -11.31 -9.89 3.17
CA ASP A 275 -11.44 -11.13 2.42
C ASP A 275 -10.57 -12.23 3.02
N GLY A 276 -9.43 -11.86 3.63
CA GLY A 276 -8.56 -12.83 4.25
C GLY A 276 -8.86 -13.05 5.71
N ALA A 277 -10.14 -13.13 6.05
CA ALA A 277 -10.58 -13.31 7.43
C ALA A 277 -11.28 -14.65 7.65
N LEU A 278 -12.14 -15.05 6.73
CA LEU A 278 -12.83 -16.33 6.89
C LEU A 278 -11.86 -17.50 6.76
N VAL A 279 -10.93 -17.42 5.81
CA VAL A 279 -9.93 -18.47 5.67
C VAL A 279 -9.03 -18.52 6.90
N ASN A 280 -8.62 -17.35 7.40
CA ASN A 280 -7.81 -17.32 8.63
C ASN A 280 -8.59 -17.89 9.81
N GLY A 281 -9.89 -17.58 9.90
CA GLY A 281 -10.68 -18.11 10.99
C GLY A 281 -10.82 -19.61 10.96
N ILE A 282 -11.15 -20.16 9.78
CA ILE A 282 -11.27 -21.62 9.68
C ILE A 282 -9.91 -22.28 9.90
N ALA A 283 -8.83 -21.62 9.49
CA ALA A 283 -7.50 -22.18 9.70
C ALA A 283 -7.16 -22.24 11.18
N THR A 284 -7.40 -21.14 11.92
CA THR A 284 -7.07 -21.14 13.33
C THR A 284 -7.97 -22.09 14.11
N LEU A 285 -9.24 -22.19 13.73
CA LEU A 285 -10.12 -23.18 14.37
C LEU A 285 -9.61 -24.59 14.12
N ALA A 286 -9.22 -24.90 12.88
CA ALA A 286 -8.73 -26.24 12.59
C ALA A 286 -7.45 -26.56 13.37
N ILE A 287 -6.53 -25.59 13.45
CA ILE A 287 -5.26 -25.89 14.10
C ILE A 287 -5.45 -26.01 15.61
N VAL A 288 -6.30 -25.18 16.20
CA VAL A 288 -6.54 -25.33 17.64
C VAL A 288 -7.27 -26.64 17.90
N LEU A 289 -8.15 -27.06 17.00
CA LEU A 289 -8.84 -28.34 17.18
C LEU A 289 -7.86 -29.50 17.16
N VAL A 290 -6.95 -29.50 16.17
CA VAL A 290 -6.02 -30.63 16.06
C VAL A 290 -5.02 -30.62 17.20
N ILE A 291 -4.60 -29.44 17.66
CA ILE A 291 -3.63 -29.41 18.75
C ILE A 291 -4.31 -29.79 20.07
N LEU A 292 -5.60 -29.49 20.21
CA LEU A 292 -6.32 -29.93 21.40
C LEU A 292 -6.54 -31.43 21.37
N TRP A 293 -6.79 -32.00 20.19
CA TRP A 293 -6.98 -33.43 20.09
C TRP A 293 -5.68 -34.20 20.35
N ILE A 294 -4.56 -33.65 19.90
CA ILE A 294 -3.30 -34.34 20.18
C ILE A 294 -2.85 -34.08 21.62
N ALA A 295 -3.29 -32.97 22.22
CA ALA A 295 -2.98 -32.71 23.62
C ALA A 295 -3.82 -33.58 24.55
N LEU A 296 -5.11 -33.71 24.27
CA LEU A 296 -6.00 -34.55 25.04
C LEU A 296 -6.92 -35.31 24.09
N ARG A 297 -7.14 -36.59 24.37
CA ARG A 297 -7.97 -37.45 23.55
C ARG A 297 -9.25 -37.75 24.33
N SER A 298 -10.23 -36.85 24.21
CA SER A 298 -11.49 -36.97 24.93
C SER A 298 -12.46 -35.93 24.41
N LYS A 299 -13.74 -36.31 24.33
CA LYS A 299 -14.79 -35.38 23.95
C LYS A 299 -15.33 -34.59 25.15
N ARG A 300 -15.12 -35.09 26.37
CA ARG A 300 -15.60 -34.42 27.56
C ARG A 300 -14.75 -33.19 27.92
N MET A 301 -13.54 -33.08 27.39
CA MET A 301 -12.65 -31.97 27.67
C MET A 301 -12.56 -30.98 26.53
N ILE A 302 -12.35 -31.48 25.31
CA ILE A 302 -12.12 -30.60 24.16
C ILE A 302 -13.30 -29.64 23.96
N ALA A 303 -14.53 -30.14 24.10
CA ALA A 303 -15.69 -29.29 23.98
C ALA A 303 -15.67 -28.18 25.03
N SER A 304 -15.35 -28.54 26.27
CA SER A 304 -15.33 -27.55 27.34
C SER A 304 -14.25 -26.49 27.10
N VAL A 305 -13.07 -26.91 26.64
CA VAL A 305 -12.01 -25.95 26.35
C VAL A 305 -12.41 -25.06 25.18
N PHE A 306 -13.13 -25.60 24.20
CA PHE A 306 -13.63 -24.77 23.11
C PHE A 306 -14.61 -23.72 23.64
N VAL A 307 -15.49 -24.11 24.56
CA VAL A 307 -16.42 -23.13 25.14
C VAL A 307 -15.65 -22.06 25.90
N THR A 308 -14.62 -22.46 26.65
CA THR A 308 -13.81 -21.47 27.37
C THR A 308 -13.13 -20.51 26.40
N LEU A 309 -12.56 -21.05 25.32
CA LEU A 309 -11.91 -20.18 24.34
C LEU A 309 -12.90 -19.20 23.73
N PHE A 310 -14.10 -19.69 23.38
CA PHE A 310 -15.09 -18.82 22.74
C PHE A 310 -15.57 -17.73 23.70
N VAL A 311 -15.82 -18.08 24.95
CA VAL A 311 -16.29 -17.07 25.89
C VAL A 311 -15.18 -16.07 26.19
N GLY A 312 -13.93 -16.54 26.28
CA GLY A 312 -12.83 -15.61 26.44
C GLY A 312 -12.72 -14.65 25.28
N LEU A 313 -12.88 -15.17 24.06
CA LEU A 313 -12.85 -14.32 22.88
C LEU A 313 -13.94 -13.27 22.92
N VAL A 314 -15.17 -13.67 23.23
CA VAL A 314 -16.27 -12.71 23.17
C VAL A 314 -16.12 -11.66 24.27
N VAL A 315 -15.65 -12.06 25.46
CA VAL A 315 -15.51 -11.08 26.53
C VAL A 315 -14.35 -10.13 26.25
N THR A 316 -13.24 -10.63 25.69
CA THR A 316 -12.15 -9.71 25.39
C THR A 316 -12.52 -8.77 24.26
N ALA A 317 -13.29 -9.25 23.28
CA ALA A 317 -13.76 -8.35 22.23
C ALA A 317 -14.69 -7.29 22.80
N ALA A 318 -15.58 -7.68 23.71
CA ALA A 318 -16.49 -6.72 24.32
C ALA A 318 -15.71 -5.66 25.10
N LEU A 319 -14.74 -6.08 25.91
CA LEU A 319 -13.98 -5.12 26.70
C LEU A 319 -13.12 -4.24 25.82
N GLY A 320 -12.57 -4.78 24.73
CA GLY A 320 -11.79 -3.96 23.81
C GLY A 320 -12.63 -2.91 23.13
N LEU A 321 -13.82 -3.30 22.65
CA LEU A 321 -14.71 -2.33 22.04
C LEU A 321 -15.22 -1.33 23.05
N MET A 322 -15.31 -1.72 24.33
CA MET A 322 -15.68 -0.78 25.37
C MET A 322 -14.56 0.23 25.62
N MET A 323 -13.31 -0.22 25.51
CA MET A 323 -12.19 0.70 25.67
C MET A 323 -12.09 1.65 24.49
N VAL A 324 -11.97 1.11 23.28
CA VAL A 324 -11.89 1.91 22.06
C VAL A 324 -12.68 1.20 20.97
N GLY A 325 -13.47 1.97 20.21
CA GLY A 325 -14.29 1.40 19.17
C GLY A 325 -13.65 1.42 17.80
N SER A 326 -12.47 0.82 17.68
CA SER A 326 -11.76 0.78 16.41
C SER A 326 -10.66 -0.27 16.48
N LEU A 327 -10.31 -0.81 15.32
CA LEU A 327 -9.25 -1.81 15.23
C LEU A 327 -8.08 -1.38 14.36
N ASN A 328 -8.21 -0.27 13.62
CA ASN A 328 -7.10 0.42 12.93
C ASN A 328 -6.23 -0.52 12.11
N MET A 329 -6.79 -1.64 11.66
CA MET A 329 -6.17 -2.52 10.67
C MET A 329 -4.94 -3.21 11.23
N ILE A 330 -4.53 -2.85 12.45
CA ILE A 330 -3.39 -3.45 13.13
C ILE A 330 -3.83 -4.19 14.39
N SER A 331 -4.68 -3.56 15.19
CA SER A 331 -5.22 -4.21 16.38
C SER A 331 -6.23 -5.29 16.07
N VAL A 332 -6.61 -5.46 14.80
CA VAL A 332 -7.55 -6.51 14.41
C VAL A 332 -6.94 -7.90 14.55
N ALA A 333 -5.62 -7.99 14.73
CA ALA A 333 -4.97 -9.28 14.86
C ALA A 333 -5.26 -9.97 16.19
N PHE A 334 -5.88 -9.27 17.15
CA PHE A 334 -6.17 -9.89 18.43
C PHE A 334 -7.13 -11.07 18.28
N MET A 335 -7.97 -11.04 17.23
CA MET A 335 -8.91 -12.13 16.98
C MET A 335 -8.20 -13.48 16.88
N VAL A 336 -6.99 -13.51 16.34
CA VAL A 336 -6.24 -14.74 16.20
C VAL A 336 -5.18 -14.81 17.30
N LEU A 337 -4.76 -13.64 17.80
CA LEU A 337 -3.75 -13.62 18.85
C LEU A 337 -4.25 -14.28 20.12
N PHE A 338 -5.52 -14.03 20.49
CA PHE A 338 -6.07 -14.66 21.69
C PHE A 338 -6.13 -16.16 21.52
N VAL A 339 -6.67 -16.64 20.39
CA VAL A 339 -6.77 -18.07 20.15
C VAL A 339 -5.39 -18.72 20.15
N GLY A 340 -4.37 -18.00 19.66
CA GLY A 340 -3.04 -18.58 19.60
C GLY A 340 -2.25 -18.53 20.89
N LEU A 341 -2.57 -17.60 21.79
CA LEU A 341 -1.81 -17.45 23.01
C LEU A 341 -2.54 -17.96 24.25
N GLY A 342 -3.78 -17.53 24.47
CA GLY A 342 -4.49 -17.85 25.70
C GLY A 342 -4.80 -19.32 25.90
N VAL A 343 -4.66 -20.15 24.86
CA VAL A 343 -4.90 -21.58 25.01
C VAL A 343 -3.80 -22.26 25.82
N ASP A 344 -2.71 -21.55 26.11
CA ASP A 344 -1.62 -22.14 26.87
C ASP A 344 -2.07 -22.52 28.28
N PHE A 345 -2.83 -21.64 28.93
CA PHE A 345 -3.31 -21.94 30.27
C PHE A 345 -4.20 -23.18 30.26
N ALA A 346 -5.09 -23.29 29.27
CA ALA A 346 -5.99 -24.43 29.20
C ALA A 346 -5.22 -25.72 28.93
N ILE A 347 -4.23 -25.69 28.04
CA ILE A 347 -3.44 -26.89 27.77
C ILE A 347 -2.64 -27.29 29.01
N GLN A 348 -2.09 -26.30 29.72
CA GLN A 348 -1.37 -26.58 30.96
C GLN A 348 -2.28 -27.25 31.99
N TYR A 349 -3.46 -26.68 32.20
CA TYR A 349 -4.39 -27.24 33.16
C TYR A 349 -4.84 -28.64 32.75
N GLY A 350 -5.02 -28.87 31.44
CA GLY A 350 -5.45 -30.19 30.99
C GLY A 350 -4.38 -31.25 31.19
N VAL A 351 -3.13 -30.91 30.86
CA VAL A 351 -2.05 -31.86 31.08
C VAL A 351 -1.87 -32.15 32.57
N LYS A 352 -1.93 -31.12 33.40
CA LYS A 352 -1.77 -31.35 34.84
C LYS A 352 -2.95 -32.14 35.40
N TYR A 353 -4.16 -31.95 34.86
CA TYR A 353 -5.27 -32.75 35.34
C TYR A 353 -5.15 -34.19 34.87
N ARG A 354 -4.56 -34.43 33.70
CA ARG A 354 -4.28 -35.80 33.31
C ARG A 354 -3.29 -36.45 34.26
N GLU A 355 -2.23 -35.72 34.62
CA GLU A 355 -1.28 -36.25 35.59
C GLU A 355 -1.94 -36.50 36.94
N GLU A 356 -2.83 -35.61 37.35
CA GLU A 356 -3.57 -35.82 38.59
C GLU A 356 -4.46 -37.06 38.51
N ARG A 357 -5.14 -37.25 37.36
CA ARG A 357 -5.93 -38.46 37.16
C ARG A 357 -5.07 -39.69 37.32
N HIS A 358 -3.87 -39.67 36.77
CA HIS A 358 -2.93 -40.75 37.01
C HIS A 358 -2.60 -40.87 38.50
N ARG A 359 -2.60 -39.74 39.22
CA ARG A 359 -2.25 -39.75 40.63
C ARG A 359 -3.48 -39.85 41.54
N ASP A 360 -4.37 -38.87 41.46
CA ASP A 360 -5.50 -38.78 42.38
C ASP A 360 -6.69 -39.55 41.85
N PRO A 361 -7.17 -40.58 42.54
CA PRO A 361 -8.36 -41.31 42.03
C PRO A 361 -9.60 -40.44 41.96
N ASN A 362 -9.85 -39.62 42.99
CA ASN A 362 -10.97 -38.70 42.95
C ASN A 362 -10.74 -37.63 41.88
N LEU A 363 -11.82 -36.97 41.50
CA LEU A 363 -11.77 -35.94 40.48
C LEU A 363 -11.84 -34.53 41.05
N ASP A 364 -12.66 -34.30 42.07
CA ASP A 364 -12.71 -32.97 42.67
C ASP A 364 -11.36 -32.60 43.29
N HIS A 365 -10.78 -33.53 44.05
CA HIS A 365 -9.49 -33.26 44.69
C HIS A 365 -8.39 -33.11 43.65
N ALA A 366 -8.41 -33.95 42.61
CA ALA A 366 -7.43 -33.82 41.54
C ALA A 366 -7.53 -32.45 40.87
N LEU A 367 -8.75 -31.98 40.62
CA LEU A 367 -8.94 -30.69 39.98
C LEU A 367 -8.46 -29.55 40.87
N VAL A 368 -8.84 -29.56 42.15
CA VAL A 368 -8.41 -28.48 43.03
C VAL A 368 -6.91 -28.51 43.26
N GLY A 369 -6.31 -29.71 43.23
CA GLY A 369 -4.86 -29.78 43.38
C GLY A 369 -4.12 -29.28 42.15
N ALA A 370 -4.61 -29.64 40.96
CA ALA A 370 -4.04 -29.08 39.74
C ALA A 370 -4.22 -27.56 39.70
N ALA A 371 -5.31 -27.06 40.27
CA ALA A 371 -5.52 -25.61 40.32
C ALA A 371 -4.52 -24.95 41.26
N HIS A 372 -4.37 -25.49 42.47
CA HIS A 372 -3.41 -24.92 43.41
C HIS A 372 -1.96 -25.09 42.96
N ALA A 373 -1.68 -26.09 42.13
CA ALA A 373 -0.32 -26.35 41.70
C ALA A 373 0.16 -25.29 40.72
N MET A 374 -0.62 -25.04 39.67
CA MET A 374 -0.29 -24.00 38.70
C MET A 374 -0.87 -22.65 39.15
N GLY A 375 -0.54 -22.30 40.39
CA GLY A 375 -0.96 -21.02 40.94
C GLY A 375 0.02 -19.91 40.63
N MET A 376 1.28 -20.08 41.02
CA MET A 376 2.33 -19.10 40.78
C MET A 376 2.81 -19.09 39.33
N PRO A 377 3.06 -20.24 38.70
CA PRO A 377 3.52 -20.19 37.30
C PRO A 377 2.53 -19.53 36.37
N LEU A 378 1.24 -19.89 36.47
CA LEU A 378 0.25 -19.34 35.56
C LEU A 378 0.11 -17.83 35.75
N THR A 379 0.01 -17.38 37.01
CA THR A 379 -0.15 -15.96 37.26
C THR A 379 1.10 -15.18 36.85
N LEU A 380 2.28 -15.78 37.03
CA LEU A 380 3.50 -15.07 36.62
C LEU A 380 3.61 -14.99 35.11
N ALA A 381 3.20 -16.04 34.40
CA ALA A 381 3.17 -15.97 32.94
C ALA A 381 2.18 -14.91 32.47
N THR A 382 0.99 -14.87 33.08
CA THR A 382 0.01 -13.85 32.72
C THR A 382 0.56 -12.46 32.99
N ALA A 383 1.23 -12.26 34.13
CA ALA A 383 1.76 -10.95 34.46
C ALA A 383 2.85 -10.55 33.47
N ALA A 384 3.73 -11.47 33.10
CA ALA A 384 4.79 -11.16 32.15
C ALA A 384 4.21 -10.78 30.79
N VAL A 385 3.23 -11.56 30.32
CA VAL A 385 2.62 -11.26 29.01
C VAL A 385 1.91 -9.91 29.05
N ALA A 386 1.16 -9.66 30.12
CA ALA A 386 0.42 -8.41 30.22
C ALA A 386 1.37 -7.23 30.33
N ALA A 387 2.50 -7.39 31.00
CA ALA A 387 3.48 -6.31 31.08
C ALA A 387 4.13 -6.05 29.73
N SER A 388 4.50 -7.11 29.02
CA SER A 388 5.07 -6.96 27.68
C SER A 388 4.09 -6.28 26.73
N PHE A 389 2.79 -6.52 26.91
CA PHE A 389 1.81 -5.87 26.05
C PHE A 389 1.54 -4.43 26.47
N PHE A 390 1.49 -4.17 27.78
CA PHE A 390 1.17 -2.85 28.28
C PHE A 390 2.35 -1.89 28.23
N SER A 391 3.57 -2.39 27.99
CA SER A 391 4.72 -1.49 27.88
C SER A 391 4.58 -0.51 26.74
N PHE A 392 3.82 -0.86 25.69
CA PHE A 392 3.64 0.03 24.55
C PHE A 392 2.60 1.11 24.79
N LEU A 393 1.89 1.08 25.92
CA LEU A 393 0.84 2.06 26.18
C LEU A 393 1.39 3.49 26.28
N PRO A 394 2.43 3.78 27.09
CA PRO A 394 2.92 5.17 27.17
C PRO A 394 3.85 5.52 26.01
N THR A 395 3.31 5.50 24.80
CA THR A 395 4.07 5.83 23.59
C THR A 395 3.20 6.68 22.68
N ALA A 396 3.79 7.14 21.59
CA ALA A 396 3.05 7.91 20.60
C ALA A 396 2.37 7.01 19.57
N TYR A 397 2.85 5.79 19.37
CA TYR A 397 2.21 4.86 18.47
C TYR A 397 0.84 4.47 19.03
N ARG A 398 -0.21 4.79 18.28
CA ARG A 398 -1.57 4.55 18.77
C ARG A 398 -2.07 3.15 18.42
N GLY A 399 -1.75 2.66 17.23
CA GLY A 399 -2.22 1.34 16.83
C GLY A 399 -1.70 0.25 17.74
N VAL A 400 -0.39 0.24 17.99
CA VAL A 400 0.18 -0.76 18.87
C VAL A 400 -0.28 -0.55 20.30
N SER A 401 -0.56 0.69 20.69
CA SER A 401 -1.10 0.95 22.02
C SER A 401 -2.46 0.26 22.19
N GLU A 402 -3.35 0.46 21.22
CA GLU A 402 -4.66 -0.20 21.28
C GLU A 402 -4.51 -1.71 21.25
N LEU A 403 -3.62 -2.23 20.39
CA LEU A 403 -3.40 -3.67 20.34
C LEU A 403 -2.93 -4.20 21.69
N GLY A 404 -2.02 -3.49 22.34
CA GLY A 404 -1.52 -3.95 23.63
C GLY A 404 -2.58 -3.92 24.71
N LEU A 405 -3.38 -2.86 24.73
CA LEU A 405 -4.49 -2.79 25.69
C LEU A 405 -5.43 -3.96 25.49
N ILE A 406 -5.83 -4.22 24.24
CA ILE A 406 -6.77 -5.31 23.96
C ILE A 406 -6.17 -6.65 24.36
N ALA A 407 -4.90 -6.88 24.03
CA ALA A 407 -4.29 -8.18 24.32
C ALA A 407 -4.09 -8.38 25.81
N GLY A 408 -3.74 -7.32 26.55
CA GLY A 408 -3.57 -7.47 27.99
C GLY A 408 -4.88 -7.74 28.69
N VAL A 409 -5.93 -6.99 28.33
CA VAL A 409 -7.24 -7.26 28.90
C VAL A 409 -7.69 -8.67 28.54
N GLY A 410 -7.37 -9.12 27.33
CA GLY A 410 -7.73 -10.47 26.93
C GLY A 410 -6.99 -11.53 27.71
N MET A 411 -5.72 -11.27 28.04
CA MET A 411 -4.97 -12.23 28.85
C MET A 411 -5.52 -12.30 30.27
N PHE A 412 -5.87 -11.16 30.85
CA PHE A 412 -6.50 -11.18 32.16
C PHE A 412 -7.83 -11.94 32.12
N VAL A 413 -8.63 -11.70 31.07
CA VAL A 413 -9.91 -12.40 30.94
C VAL A 413 -9.71 -13.89 30.74
N ALA A 414 -8.66 -14.29 30.02
CA ALA A 414 -8.38 -15.71 29.82
C ALA A 414 -7.96 -16.37 31.11
N LEU A 415 -7.14 -15.68 31.91
CA LEU A 415 -6.81 -16.19 33.25
C LEU A 415 -8.08 -16.39 34.08
N PHE A 416 -8.94 -15.37 34.10
CA PHE A 416 -10.19 -15.45 34.86
C PHE A 416 -11.05 -16.62 34.39
N THR A 417 -11.16 -16.80 33.06
CA THR A 417 -11.96 -17.88 32.51
C THR A 417 -11.40 -19.24 32.91
N THR A 418 -10.12 -19.47 32.61
CA THR A 418 -9.50 -20.75 32.95
C THR A 418 -9.57 -21.04 34.44
N LEU A 419 -9.57 -20.00 35.27
CA LEU A 419 -9.64 -20.23 36.70
C LEU A 419 -11.06 -20.60 37.14
N THR A 420 -12.06 -19.84 36.70
CA THR A 420 -13.42 -20.00 37.21
C THR A 420 -14.26 -20.94 36.37
N LEU A 421 -14.44 -20.62 35.08
CA LEU A 421 -15.43 -21.32 34.27
C LEU A 421 -14.98 -22.72 33.92
N LEU A 422 -13.72 -22.86 33.48
CA LEU A 422 -13.25 -24.17 33.00
C LEU A 422 -13.42 -25.28 34.03
N PRO A 423 -13.02 -25.12 35.29
CA PRO A 423 -13.24 -26.24 36.25
C PRO A 423 -14.71 -26.56 36.47
N ALA A 424 -15.58 -25.57 36.42
CA ALA A 424 -17.01 -25.83 36.57
C ALA A 424 -17.51 -26.70 35.42
N LEU A 425 -17.18 -26.31 34.18
CA LEU A 425 -17.58 -27.10 33.03
C LEU A 425 -16.87 -28.45 32.98
N LEU A 426 -15.76 -28.60 33.69
CA LEU A 426 -15.14 -29.91 33.81
C LEU A 426 -15.94 -30.80 34.75
N LYS A 427 -16.23 -30.30 35.96
CA LYS A 427 -17.02 -31.07 36.92
C LYS A 427 -18.37 -31.46 36.33
N LEU A 428 -19.04 -30.51 35.69
CA LEU A 428 -20.37 -30.78 35.11
C LEU A 428 -20.32 -31.85 34.03
N LEU A 429 -19.16 -32.06 33.41
CA LEU A 429 -18.97 -33.03 32.34
C LEU A 429 -17.70 -33.84 32.60
N ALA A 430 -17.58 -34.34 33.83
CA ALA A 430 -16.42 -35.09 34.30
C ALA A 430 -16.12 -36.27 33.38
N PRO A 431 -14.98 -36.25 32.68
CA PRO A 431 -14.60 -37.35 31.79
C PRO A 431 -14.27 -38.62 32.55
N PRO A 438 0.63 -44.18 26.22
CA PRO A 438 1.74 -43.20 26.25
C PRO A 438 1.59 -42.12 25.20
N GLY A 439 2.68 -41.83 24.49
CA GLY A 439 2.63 -40.84 23.43
C GLY A 439 3.87 -40.83 22.57
N PHE A 440 3.68 -40.84 21.25
CA PHE A 440 4.75 -40.78 20.27
C PHE A 440 5.83 -41.84 20.53
N PRO A 441 5.53 -43.13 20.28
CA PRO A 441 6.53 -44.19 20.49
C PRO A 441 7.50 -44.37 19.31
N ARG A 442 8.10 -43.27 18.86
CA ARG A 442 8.98 -43.32 17.70
C ARG A 442 10.29 -42.55 17.85
N LEU A 443 10.38 -41.55 18.72
CA LEU A 443 11.45 -40.56 18.67
C LEU A 443 12.73 -41.00 19.35
N ALA A 444 12.98 -42.31 19.47
CA ALA A 444 14.12 -42.79 20.25
C ALA A 444 15.48 -42.38 19.70
N PRO A 445 15.78 -42.54 18.40
CA PRO A 445 17.16 -42.28 17.94
C PRO A 445 17.67 -40.88 18.26
N VAL A 446 16.88 -39.84 17.94
CA VAL A 446 17.30 -38.49 18.27
C VAL A 446 17.22 -38.26 19.79
N ASP A 447 16.34 -39.00 20.47
CA ASP A 447 16.24 -38.91 21.93
C ASP A 447 17.56 -39.28 22.58
N ASP A 448 18.28 -40.24 22.00
CA ASP A 448 19.58 -40.63 22.56
C ASP A 448 20.57 -39.47 22.57
N TYR A 449 20.95 -38.99 21.38
CA TYR A 449 22.10 -38.10 21.23
C TYR A 449 21.74 -36.78 20.56
N LEU A 450 20.59 -36.19 20.90
CA LEU A 450 20.38 -34.78 20.60
C LEU A 450 20.13 -33.92 21.83
N ASP A 451 19.88 -34.55 22.99
CA ASP A 451 19.79 -33.84 24.26
C ASP A 451 21.11 -33.81 25.01
N HIS A 452 21.92 -34.87 24.88
CA HIS A 452 23.21 -34.96 25.55
C HIS A 452 24.30 -34.19 24.82
N HIS A 453 23.97 -33.52 23.73
CA HIS A 453 24.84 -32.53 23.09
C HIS A 453 24.29 -31.12 23.20
N ARG A 454 23.21 -30.93 23.97
CA ARG A 454 22.71 -29.59 24.24
C ARG A 454 23.72 -28.77 25.04
N LYS A 455 24.59 -29.44 25.80
CA LYS A 455 25.52 -28.77 26.69
C LYS A 455 26.68 -28.13 25.94
N PRO A 456 27.31 -28.80 24.96
CA PRO A 456 28.31 -28.11 24.14
C PRO A 456 27.73 -27.07 23.19
N ILE A 457 26.40 -27.03 23.02
CA ILE A 457 25.81 -25.93 22.25
C ILE A 457 26.17 -24.60 22.88
N LEU A 458 26.35 -24.58 24.20
CA LEU A 458 26.80 -23.36 24.87
C LEU A 458 28.13 -22.89 24.31
N ILE A 459 29.04 -23.82 24.01
CA ILE A 459 30.35 -23.42 23.48
C ILE A 459 30.38 -23.35 21.97
N GLY A 460 29.34 -23.82 21.29
CA GLY A 460 29.28 -23.69 19.84
C GLY A 460 28.53 -22.48 19.33
N THR A 461 27.28 -22.33 19.77
CA THR A 461 26.44 -21.24 19.26
C THR A 461 26.89 -19.89 19.82
N LEU A 462 27.27 -19.84 21.10
CA LEU A 462 27.78 -18.59 21.64
C LEU A 462 29.10 -18.20 20.98
N ALA A 463 29.90 -19.19 20.59
CA ALA A 463 31.16 -18.88 19.93
C ALA A 463 30.94 -18.43 18.48
N VAL A 464 29.88 -18.93 17.84
CA VAL A 464 29.58 -18.50 16.47
C VAL A 464 28.68 -17.27 16.44
N VAL A 465 28.22 -16.79 17.60
CA VAL A 465 27.35 -15.62 17.64
C VAL A 465 28.07 -14.35 18.07
N ILE A 466 29.26 -14.47 18.68
CA ILE A 466 29.97 -13.28 19.13
C ILE A 466 30.37 -12.41 17.93
N GLY A 467 31.03 -13.01 16.94
CA GLY A 467 31.42 -12.29 15.74
C GLY A 467 30.28 -11.87 14.85
N ALA A 468 29.04 -12.20 15.21
CA ALA A 468 27.87 -11.80 14.45
C ALA A 468 27.37 -10.41 14.82
N LEU A 469 28.04 -9.73 15.73
CA LEU A 469 27.64 -8.36 16.07
C LEU A 469 27.92 -7.36 14.94
N PRO A 470 29.08 -7.35 14.28
CA PRO A 470 29.27 -6.39 13.19
C PRO A 470 28.29 -6.56 12.04
N LEU A 471 27.75 -7.76 11.85
CA LEU A 471 26.81 -8.01 10.76
C LEU A 471 25.39 -7.62 11.13
N LEU A 472 25.20 -6.85 12.21
CA LEU A 472 23.88 -6.42 12.63
C LEU A 472 23.51 -5.04 12.08
N ALA A 473 24.47 -4.17 11.82
CA ALA A 473 24.20 -2.80 11.39
C ALA A 473 23.82 -2.68 9.93
N HIS A 474 23.67 -3.80 9.21
CA HIS A 474 23.29 -3.77 7.80
C HIS A 474 21.77 -3.91 7.67
N LEU A 475 21.05 -3.01 8.33
CA LEU A 475 19.60 -3.06 8.38
C LEU A 475 19.03 -1.70 8.01
N ARG A 476 17.98 -1.72 7.17
CA ARG A 476 17.26 -0.52 6.78
C ARG A 476 15.92 -0.49 7.51
N PHE A 477 15.20 0.63 7.37
CA PHE A 477 13.91 0.81 8.00
C PHE A 477 12.97 1.50 7.02
N ASP A 478 11.82 0.89 6.77
CA ASP A 478 10.85 1.43 5.82
C ASP A 478 10.14 2.62 6.44
N PHE A 479 10.57 3.82 6.08
CA PHE A 479 10.00 5.06 6.61
C PHE A 479 8.81 5.56 5.80
N ASN A 480 8.17 4.68 5.03
CA ASN A 480 6.99 5.06 4.27
C ASN A 480 5.97 3.93 4.30
N PRO A 481 4.78 4.17 4.85
CA PRO A 481 3.79 3.08 4.98
C PRO A 481 3.25 2.60 3.64
N LEU A 482 3.43 3.37 2.57
CA LEU A 482 2.82 3.01 1.29
C LEU A 482 3.33 1.68 0.74
N HIS A 483 4.50 1.23 1.19
CA HIS A 483 5.06 -0.02 0.67
C HIS A 483 4.21 -1.22 1.07
N LEU A 484 3.84 -1.29 2.35
CA LEU A 484 3.06 -2.41 2.86
C LEU A 484 1.57 -2.22 2.62
N LYS A 485 1.18 -1.89 1.40
CA LYS A 485 -0.20 -1.55 1.09
C LYS A 485 -0.74 -2.37 -0.09
N ASP A 486 -0.39 -3.65 -0.14
CA ASP A 486 -0.91 -4.58 -1.15
C ASP A 486 -0.68 -4.04 -2.56
N PRO A 487 0.55 -4.08 -3.06
CA PRO A 487 0.82 -3.55 -4.41
C PRO A 487 0.09 -4.27 -5.54
N ARG A 488 -0.67 -5.34 -5.25
CA ARG A 488 -1.35 -6.06 -6.31
C ARG A 488 -2.65 -5.37 -6.73
N SER A 489 -3.19 -4.49 -5.90
CA SER A 489 -4.42 -3.79 -6.24
C SER A 489 -4.12 -2.62 -7.18
N GLU A 490 -5.15 -2.23 -7.95
CA GLU A 490 -4.97 -1.15 -8.91
C GLU A 490 -4.86 0.20 -8.23
N SER A 491 -5.47 0.35 -7.05
CA SER A 491 -5.55 1.65 -6.39
C SER A 491 -4.18 2.27 -6.15
N MET A 492 -3.15 1.45 -5.91
CA MET A 492 -1.78 1.96 -5.85
C MET A 492 -0.91 1.48 -6.99
N ALA A 493 -1.37 0.51 -7.78
CA ALA A 493 -0.67 0.20 -9.02
C ALA A 493 -0.66 1.40 -9.95
N THR A 494 -1.75 2.18 -9.95
CA THR A 494 -1.78 3.42 -10.72
C THR A 494 -0.73 4.41 -10.20
N LEU A 495 -0.59 4.50 -8.87
CA LEU A 495 0.44 5.37 -8.31
C LEU A 495 1.83 4.90 -8.69
N LEU A 496 2.05 3.59 -8.69
CA LEU A 496 3.36 3.05 -9.06
C LEU A 496 3.68 3.34 -10.52
N ALA A 497 2.68 3.23 -11.39
CA ALA A 497 2.88 3.54 -12.81
C ALA A 497 2.97 5.04 -13.06
N LEU A 498 2.44 5.86 -12.17
CA LEU A 498 2.48 7.31 -12.32
C LEU A 498 3.85 7.89 -12.00
N LYS A 499 4.80 7.06 -11.56
CA LYS A 499 6.10 7.56 -11.12
C LYS A 499 6.86 8.27 -12.23
N ASP A 500 6.60 7.91 -13.49
CA ASP A 500 7.33 8.55 -14.58
C ASP A 500 6.68 9.87 -15.00
N SER A 501 5.37 9.98 -14.90
CA SER A 501 4.67 11.18 -15.33
C SER A 501 4.87 12.29 -14.32
N PRO A 502 5.46 13.42 -14.71
CA PRO A 502 5.67 14.54 -13.78
C PRO A 502 4.50 15.51 -13.69
N GLU A 503 3.42 15.28 -14.44
CA GLU A 503 2.26 16.16 -14.36
C GLU A 503 1.66 16.15 -12.96
N ALA A 504 1.22 14.99 -12.49
CA ALA A 504 0.73 14.83 -11.14
C ALA A 504 1.91 14.44 -10.25
N SER A 505 2.32 15.37 -9.39
CA SER A 505 3.48 15.16 -8.54
C SER A 505 3.01 14.59 -7.20
N VAL A 506 3.15 13.27 -7.06
CA VAL A 506 2.81 12.61 -5.80
C VAL A 506 3.91 12.74 -4.76
N ASN A 507 5.09 13.22 -5.17
CA ASN A 507 6.23 13.38 -4.27
C ASN A 507 6.45 14.84 -3.88
N ASP A 508 5.41 15.66 -3.91
CA ASP A 508 5.56 17.08 -3.63
C ASP A 508 5.43 17.36 -2.13
N VAL A 509 5.90 18.53 -1.73
CA VAL A 509 5.69 19.02 -0.37
C VAL A 509 4.95 20.35 -0.45
N SER A 510 4.63 20.94 0.69
CA SER A 510 3.85 22.17 0.71
C SER A 510 4.43 23.12 1.74
N LEU A 511 4.06 24.40 1.62
CA LEU A 511 4.52 25.43 2.54
C LEU A 511 3.67 26.69 2.39
N LEU A 512 3.10 27.16 3.49
CA LEU A 512 2.30 28.38 3.46
C LEU A 512 3.19 29.61 3.66
N ALA A 513 2.57 30.78 3.68
CA ALA A 513 3.30 32.03 3.75
C ALA A 513 2.33 33.12 4.17
N PRO A 514 2.82 34.25 4.68
CA PRO A 514 1.94 35.38 5.03
C PRO A 514 1.52 36.26 3.85
N SER A 515 1.97 35.96 2.63
CA SER A 515 1.60 36.74 1.46
C SER A 515 2.05 35.98 0.23
N LEU A 516 1.65 36.49 -0.94
CA LEU A 516 2.05 35.86 -2.19
C LEU A 516 3.51 36.17 -2.52
N VAL A 517 3.95 37.39 -2.23
CA VAL A 517 5.34 37.76 -2.50
C VAL A 517 6.27 37.02 -1.56
N ALA A 518 5.86 36.81 -0.30
CA ALA A 518 6.65 36.00 0.61
C ALA A 518 6.71 34.56 0.14
N ALA A 519 5.60 34.07 -0.43
CA ALA A 519 5.60 32.71 -0.98
C ALA A 519 6.56 32.58 -2.15
N ASN A 520 6.60 33.61 -3.01
CA ASN A 520 7.55 33.58 -4.12
C ASN A 520 8.99 33.65 -3.63
N ALA A 521 9.25 34.47 -2.62
CA ALA A 521 10.59 34.55 -2.06
C ALA A 521 11.01 33.23 -1.44
N ALA A 522 10.08 32.54 -0.77
CA ALA A 522 10.38 31.23 -0.21
C ALA A 522 10.63 30.21 -1.31
N ALA A 523 9.85 30.27 -2.39
CA ALA A 523 10.10 29.37 -3.52
C ALA A 523 11.47 29.62 -4.12
N GLN A 524 11.89 30.88 -4.20
CA GLN A 524 13.23 31.19 -4.72
C GLN A 524 14.31 30.65 -3.80
N ARG A 525 14.24 30.96 -2.51
CA ARG A 525 15.27 30.51 -1.57
C ARG A 525 15.27 29.01 -1.38
N LEU A 526 14.18 28.32 -1.72
CA LEU A 526 14.18 26.86 -1.71
C LEU A 526 14.61 26.27 -3.04
N GLY A 527 14.51 27.03 -4.12
CA GLY A 527 15.10 26.63 -5.38
C GLY A 527 16.60 26.81 -5.42
N ALA A 528 17.13 27.73 -4.61
CA ALA A 528 18.58 27.91 -4.53
C ALA A 528 19.28 26.67 -4.00
N LEU A 529 18.55 25.78 -3.34
CA LEU A 529 19.13 24.53 -2.85
C LEU A 529 19.36 23.58 -4.02
N PRO A 530 20.59 23.08 -4.21
CA PRO A 530 20.90 22.31 -5.43
C PRO A 530 20.16 20.98 -5.55
N GLU A 531 19.25 20.64 -4.65
CA GLU A 531 18.57 19.34 -4.70
C GLU A 531 17.06 19.48 -4.62
N VAL A 532 16.50 20.53 -5.21
CA VAL A 532 15.07 20.78 -5.15
C VAL A 532 14.38 20.51 -6.47
N GLY A 533 14.98 20.91 -7.59
CA GLY A 533 14.35 20.75 -8.88
C GLY A 533 13.52 21.96 -9.29
N ARG A 534 12.20 21.87 -9.12
CA ARG A 534 11.29 22.94 -9.49
C ARG A 534 10.31 23.21 -8.36
N THR A 535 9.94 24.47 -8.20
CA THR A 535 8.95 24.89 -7.22
C THR A 535 7.86 25.66 -7.93
N THR A 536 6.59 25.38 -7.57
CA THR A 536 5.45 25.99 -8.23
C THR A 536 4.63 26.80 -7.24
N THR A 537 3.90 27.77 -7.77
CA THR A 537 3.02 28.64 -6.99
C THR A 537 1.99 29.21 -7.95
N LEU A 538 1.27 30.25 -7.52
CA LEU A 538 0.36 30.91 -8.45
C LEU A 538 1.11 31.69 -9.51
N SER A 539 2.31 32.17 -9.18
CA SER A 539 3.06 32.99 -10.14
C SER A 539 3.61 32.15 -11.28
N THR A 540 3.87 30.86 -11.07
CA THR A 540 4.44 30.05 -12.14
C THR A 540 3.44 29.78 -13.25
N PHE A 541 2.14 29.99 -13.00
CA PHE A 541 1.13 29.90 -14.04
C PHE A 541 0.94 31.23 -14.76
N ILE A 542 1.91 32.13 -14.69
CA ILE A 542 1.91 33.40 -15.40
C ILE A 542 3.09 33.40 -16.35
N PRO A 543 2.88 33.36 -17.66
CA PRO A 543 4.01 33.37 -18.60
C PRO A 543 4.83 34.65 -18.48
N ASP A 544 6.09 34.55 -18.89
CA ASP A 544 7.05 35.62 -18.62
C ASP A 544 6.90 36.77 -19.61
N ALA A 545 7.13 36.50 -20.90
CA ALA A 545 7.15 37.54 -21.92
C ALA A 545 5.95 37.36 -22.83
N GLN A 546 4.93 38.17 -22.63
CA GLN A 546 3.69 38.07 -23.40
C GLN A 546 3.82 38.67 -24.81
N PRO A 547 4.31 39.91 -24.97
CA PRO A 547 4.28 40.50 -26.32
C PRO A 547 5.10 39.75 -27.36
N GLN A 548 6.34 39.37 -27.02
CA GLN A 548 7.19 38.71 -28.01
C GLN A 548 6.63 37.36 -28.41
N LYS A 549 6.24 36.55 -27.42
CA LYS A 549 5.66 35.24 -27.72
C LYS A 549 4.39 35.38 -28.55
N LEU A 550 3.51 36.31 -28.16
CA LEU A 550 2.28 36.50 -28.91
C LEU A 550 2.57 36.94 -30.34
N ALA A 551 3.57 37.80 -30.52
CA ALA A 551 3.92 38.25 -31.86
C ALA A 551 4.43 37.09 -32.72
N THR A 552 5.29 36.24 -32.15
CA THR A 552 5.82 35.12 -32.92
C THR A 552 4.71 34.13 -33.28
N ILE A 553 3.85 33.80 -32.32
CA ILE A 553 2.76 32.87 -32.62
C ILE A 553 1.77 33.49 -33.60
N ALA A 554 1.58 34.81 -33.57
CA ALA A 554 0.70 35.44 -34.54
C ALA A 554 1.31 35.43 -35.94
N ALA A 555 2.62 35.62 -36.03
CA ALA A 555 3.29 35.54 -37.32
C ALA A 555 3.23 34.13 -37.89
N ALA A 556 3.25 33.11 -37.02
CA ALA A 556 3.08 31.75 -37.50
C ALA A 556 1.63 31.48 -37.89
N ALA A 557 0.68 32.01 -37.11
CA ALA A 557 -0.73 31.75 -37.36
C ALA A 557 -1.19 32.38 -38.67
N ARG A 558 -0.79 33.63 -38.93
CA ARG A 558 -1.19 34.31 -40.16
C ARG A 558 -0.70 33.60 -41.41
N GLY A 559 0.13 32.57 -41.28
CA GLY A 559 0.56 31.80 -42.42
C GLY A 559 0.08 30.36 -42.38
N LEU A 560 -0.26 29.86 -41.20
CA LEU A 560 -0.69 28.47 -41.06
C LEU A 560 -2.19 28.27 -41.00
N LEU A 561 -2.95 29.27 -40.53
CA LEU A 561 -4.39 29.07 -40.34
C LEU A 561 -5.16 28.72 -41.61
N PRO A 562 -5.01 29.43 -42.73
CA PRO A 562 -5.87 29.16 -43.89
C PRO A 562 -5.74 27.76 -44.48
N ALA A 563 -4.86 26.92 -43.96
CA ALA A 563 -4.66 25.58 -44.49
C ALA A 563 -5.19 24.50 -43.54
N LEU A 564 -5.95 24.87 -42.52
CA LEU A 564 -6.46 23.93 -41.53
C LEU A 564 -7.98 23.82 -41.53
N THR A 565 -8.68 24.96 -41.54
CA THR A 565 -10.13 24.97 -41.42
C THR A 565 -10.83 24.46 -42.68
N GLN A 566 -10.12 24.34 -43.80
CA GLN A 566 -10.75 23.93 -45.04
C GLN A 566 -11.29 22.51 -44.90
N PRO A 567 -12.58 22.28 -45.19
CA PRO A 567 -13.14 20.94 -45.05
C PRO A 567 -12.70 20.01 -46.18
N ALA A 568 -12.90 18.72 -45.94
CA ALA A 568 -12.46 17.67 -46.86
C ALA A 568 -13.59 17.32 -47.82
N ALA A 569 -13.40 16.24 -48.58
CA ALA A 569 -14.42 15.71 -49.46
C ALA A 569 -15.02 14.43 -48.87
N ALA A 570 -15.92 13.81 -49.63
CA ALA A 570 -16.56 12.61 -49.14
C ALA A 570 -15.78 11.37 -49.55
N PRO A 571 -15.86 10.30 -48.76
CA PRO A 571 -15.14 9.06 -49.13
C PRO A 571 -15.68 8.48 -50.42
N VAL A 572 -14.76 8.14 -51.32
CA VAL A 572 -15.07 7.53 -52.61
C VAL A 572 -15.51 6.08 -52.37
N PRO A 573 -16.03 5.37 -53.37
CA PRO A 573 -16.41 3.97 -53.16
C PRO A 573 -15.24 3.11 -52.74
N ASP A 574 -15.56 1.85 -52.41
CA ASP A 574 -14.55 0.95 -51.85
C ASP A 574 -13.60 0.40 -52.90
N ALA A 575 -14.12 0.06 -54.08
CA ALA A 575 -13.26 -0.50 -55.12
C ALA A 575 -12.16 0.47 -55.53
N GLN A 576 -12.49 1.77 -55.61
CA GLN A 576 -11.46 2.75 -55.89
C GLN A 576 -10.43 2.84 -54.78
N ARG A 577 -10.85 2.61 -53.53
CA ARG A 577 -9.89 2.56 -52.43
C ARG A 577 -8.97 1.36 -52.56
N VAL A 578 -9.51 0.22 -52.98
CA VAL A 578 -8.66 -0.95 -53.22
C VAL A 578 -7.66 -0.66 -54.34
N ALA A 579 -8.11 0.00 -55.41
CA ALA A 579 -7.20 0.32 -56.50
C ALA A 579 -6.13 1.31 -56.07
N ALA A 580 -6.51 2.27 -55.21
CA ALA A 580 -5.53 3.23 -54.69
C ALA A 580 -4.48 2.52 -53.83
N LEU A 581 -4.93 1.62 -52.95
CA LEU A 581 -3.97 0.86 -52.15
C LEU A 581 -3.13 -0.04 -53.03
N LYS A 582 -3.68 -0.54 -54.14
CA LYS A 582 -2.90 -1.35 -55.06
C LYS A 582 -1.80 -0.54 -55.72
N ARG A 583 -2.12 0.67 -56.18
CA ARG A 583 -1.10 1.52 -56.78
C ARG A 583 -0.06 1.93 -55.74
N ALA A 584 -0.50 2.22 -54.51
CA ALA A 584 0.44 2.51 -53.43
C ALA A 584 1.37 1.34 -53.17
N SER A 585 0.82 0.12 -53.19
CA SER A 585 1.65 -1.06 -53.00
C SER A 585 2.65 -1.21 -54.13
N ASN A 586 2.23 -0.97 -55.37
CA ASN A 586 3.15 -1.09 -56.50
C ASN A 586 4.29 -0.08 -56.40
N LEU A 587 3.95 1.18 -56.09
CA LEU A 587 4.99 2.20 -55.94
C LEU A 587 5.93 1.88 -54.79
N LEU A 588 5.38 1.50 -53.64
CA LEU A 588 6.22 1.20 -52.48
C LEU A 588 7.10 -0.03 -52.74
N GLU A 589 6.59 -1.00 -53.49
CA GLU A 589 7.40 -2.17 -53.81
C GLU A 589 8.52 -1.83 -54.77
N TYR A 590 8.23 -1.01 -55.80
CA TYR A 590 9.30 -0.58 -56.69
C TYR A 590 10.35 0.21 -55.92
N ALA A 591 9.93 1.07 -54.99
CA ALA A 591 10.87 1.82 -54.17
C ALA A 591 11.75 0.90 -53.34
N SER A 592 11.13 0.04 -52.54
CA SER A 592 11.89 -0.86 -51.69
C SER A 592 12.67 -1.92 -52.46
N GLU A 593 12.41 -2.09 -53.75
CA GLU A 593 13.14 -3.05 -54.57
C GLU A 593 14.31 -2.44 -55.32
N ASP A 594 14.20 -1.18 -55.75
CA ASP A 594 15.29 -0.54 -56.51
C ASP A 594 15.85 0.70 -55.82
N TYR A 595 15.45 0.96 -54.57
CA TYR A 595 16.03 2.05 -53.77
C TYR A 595 16.40 1.50 -52.40
N PRO A 596 17.45 0.70 -52.31
CA PRO A 596 17.89 0.22 -51.00
C PRO A 596 18.78 1.25 -50.31
N GLY A 597 18.78 1.19 -48.98
CA GLY A 597 19.56 2.11 -48.20
C GLY A 597 19.48 1.82 -46.72
N PRO A 598 19.46 2.89 -45.90
CA PRO A 598 19.43 2.71 -44.44
C PRO A 598 18.14 2.08 -43.94
N GLY A 599 17.00 2.62 -44.37
CA GLY A 599 15.73 2.15 -43.86
C GLY A 599 14.78 1.60 -44.92
N ALA A 600 15.34 0.98 -45.96
CA ALA A 600 14.50 0.36 -46.98
C ALA A 600 13.70 -0.81 -46.42
N ALA A 601 14.15 -1.39 -45.30
CA ALA A 601 13.36 -2.42 -44.64
C ALA A 601 12.02 -1.87 -44.18
N ALA A 602 11.98 -0.61 -43.75
CA ALA A 602 10.71 0.02 -43.40
C ALA A 602 9.83 0.15 -44.64
N ALA A 603 10.42 0.45 -45.79
CA ALA A 603 9.65 0.53 -47.02
C ALA A 603 9.06 -0.82 -47.39
N LYS A 604 9.85 -1.89 -47.27
CA LYS A 604 9.32 -3.22 -47.53
C LYS A 604 8.24 -3.59 -46.52
N HIS A 605 8.40 -3.18 -45.26
CA HIS A 605 7.38 -3.46 -44.25
C HIS A 605 6.07 -2.76 -44.60
N LEU A 606 6.15 -1.50 -45.02
CA LEU A 606 4.95 -0.79 -45.44
C LEU A 606 4.34 -1.41 -46.68
N SER A 607 5.18 -1.86 -47.62
CA SER A 607 4.68 -2.55 -48.80
C SER A 607 3.88 -3.79 -48.41
N GLU A 608 4.42 -4.60 -47.50
CA GLU A 608 3.72 -5.80 -47.07
C GLU A 608 2.44 -5.46 -46.33
N SER A 609 2.47 -4.42 -45.50
CA SER A 609 1.27 -4.03 -44.77
C SER A 609 0.16 -3.57 -45.72
N LEU A 610 0.53 -2.81 -46.75
CA LEU A 610 -0.47 -2.31 -47.69
C LEU A 610 -0.84 -3.37 -48.73
N ALA A 611 -0.07 -4.44 -48.84
CA ALA A 611 -0.47 -5.54 -49.69
C ALA A 611 -1.34 -6.56 -48.96
N LYS A 612 -1.21 -6.63 -47.63
CA LYS A 612 -2.08 -7.50 -46.84
C LYS A 612 -3.34 -6.78 -46.36
N LEU A 613 -3.33 -5.44 -46.36
CA LEU A 613 -4.50 -4.70 -45.87
C LEU A 613 -5.66 -4.81 -46.84
N ALA A 614 -5.40 -4.65 -48.14
CA ALA A 614 -6.46 -4.50 -49.13
C ALA A 614 -6.77 -5.81 -49.85
N ALA A 615 -6.74 -6.94 -49.15
CA ALA A 615 -6.96 -8.21 -49.83
C ALA A 615 -8.45 -8.51 -50.02
N ALA A 616 -9.17 -8.74 -48.91
CA ALA A 616 -10.59 -9.05 -49.04
C ALA A 616 -11.47 -8.51 -47.91
N ASP A 617 -10.94 -7.78 -46.94
CA ASP A 617 -11.70 -7.37 -45.77
C ASP A 617 -12.29 -5.98 -45.96
N ALA A 618 -13.47 -5.75 -45.40
CA ALA A 618 -14.21 -4.52 -45.59
C ALA A 618 -14.35 -3.70 -44.31
N ALA A 619 -14.91 -4.28 -43.26
CA ALA A 619 -15.17 -3.52 -42.05
C ALA A 619 -13.89 -3.13 -41.34
N THR A 620 -12.86 -3.99 -41.39
CA THR A 620 -11.60 -3.64 -40.78
C THR A 620 -10.99 -2.39 -41.41
N ARG A 621 -11.36 -2.10 -42.66
CA ARG A 621 -10.87 -0.87 -43.29
C ARG A 621 -11.56 0.36 -42.71
N GLU A 622 -12.85 0.24 -42.37
CA GLU A 622 -13.50 1.31 -41.63
C GLU A 622 -12.88 1.46 -40.26
N ARG A 623 -12.47 0.35 -39.63
CA ARG A 623 -11.74 0.43 -38.38
C ARG A 623 -10.42 1.19 -38.55
N ALA A 624 -9.71 0.91 -39.65
CA ALA A 624 -8.46 1.61 -39.92
C ALA A 624 -8.70 3.10 -40.15
N GLU A 625 -9.81 3.43 -40.82
CA GLU A 625 -10.19 4.83 -40.96
C GLU A 625 -10.40 5.47 -39.60
N HIS A 626 -11.15 4.79 -38.73
CA HIS A 626 -11.40 5.31 -37.39
C HIS A 626 -10.11 5.48 -36.60
N ALA A 627 -9.12 4.63 -36.86
CA ALA A 627 -7.86 4.70 -36.13
C ALA A 627 -6.85 5.66 -36.74
N PHE A 628 -7.03 6.05 -37.99
CA PHE A 628 -6.10 6.97 -38.66
C PHE A 628 -6.64 8.39 -38.80
N SER A 629 -7.81 8.56 -39.42
CA SER A 629 -8.28 9.89 -39.76
C SER A 629 -8.77 10.64 -38.53
N VAL A 630 -9.47 9.95 -37.62
CA VAL A 630 -10.02 10.62 -36.45
C VAL A 630 -8.94 11.26 -35.58
N PRO A 631 -7.87 10.55 -35.18
CA PRO A 631 -6.81 11.24 -34.44
C PRO A 631 -6.13 12.32 -35.25
N LEU A 632 -6.07 12.17 -36.57
CA LEU A 632 -5.51 13.22 -37.41
C LEU A 632 -6.34 14.49 -37.31
N LYS A 633 -7.67 14.36 -37.46
CA LYS A 633 -8.54 15.53 -37.35
C LYS A 633 -8.46 16.13 -35.95
N ILE A 634 -8.36 15.28 -34.92
CA ILE A 634 -8.26 15.78 -33.55
C ILE A 634 -6.99 16.61 -33.38
N ALA A 635 -5.86 16.08 -33.85
CA ALA A 635 -4.60 16.80 -33.72
C ALA A 635 -4.60 18.08 -34.52
N LEU A 636 -5.23 18.06 -35.70
CA LEU A 636 -5.28 19.27 -36.52
C LEU A 636 -6.13 20.34 -35.86
N ASN A 637 -7.28 19.96 -35.30
CA ASN A 637 -8.10 20.93 -34.58
C ASN A 637 -7.37 21.46 -33.35
N GLN A 638 -6.61 20.60 -32.68
CA GLN A 638 -5.85 21.06 -31.51
C GLN A 638 -4.79 22.06 -31.91
N LEU A 639 -4.05 21.78 -32.99
CA LEU A 639 -3.05 22.73 -33.46
C LEU A 639 -3.68 24.03 -33.94
N ALA A 640 -4.87 23.95 -34.53
CA ALA A 640 -5.55 25.17 -34.96
C ALA A 640 -5.95 26.03 -33.78
N MET A 641 -6.58 25.42 -32.78
CA MET A 641 -6.98 26.17 -31.59
C MET A 641 -5.77 26.75 -30.86
N LEU A 642 -4.72 25.94 -30.68
CA LEU A 642 -3.55 26.34 -29.92
C LEU A 642 -2.72 27.40 -30.64
N LEU A 643 -2.96 27.65 -31.93
CA LEU A 643 -2.11 28.54 -32.69
C LEU A 643 -2.60 29.99 -32.69
N GLN A 644 -3.85 30.24 -32.29
CA GLN A 644 -4.37 31.60 -32.13
C GLN A 644 -4.75 31.82 -30.67
N PRO A 645 -3.75 31.97 -29.79
CA PRO A 645 -4.04 32.07 -28.36
C PRO A 645 -4.35 33.50 -27.93
N LEU A 646 -4.51 33.70 -26.62
CA LEU A 646 -4.66 35.00 -26.01
C LEU A 646 -3.50 35.23 -25.04
N GLU A 647 -3.59 36.30 -24.27
CA GLU A 647 -2.62 36.57 -23.21
C GLU A 647 -3.20 36.14 -21.86
N ILE A 648 -2.31 35.68 -20.98
CA ILE A 648 -2.70 35.21 -19.66
C ILE A 648 -2.36 36.28 -18.63
N THR A 649 -3.38 36.71 -17.88
CA THR A 649 -3.20 37.69 -16.82
C THR A 649 -3.94 37.18 -15.59
N ARG A 650 -3.48 37.62 -14.41
CA ARG A 650 -4.12 37.18 -13.18
C ARG A 650 -5.58 37.61 -13.12
N GLU A 651 -5.90 38.78 -13.68
CA GLU A 651 -7.29 39.22 -13.76
C GLU A 651 -8.10 38.41 -14.75
N ASN A 652 -7.46 37.58 -15.57
CA ASN A 652 -8.14 36.74 -16.55
C ASN A 652 -7.94 35.26 -16.26
N LEU A 653 -7.20 34.92 -15.21
CA LEU A 653 -7.01 33.52 -14.87
C LEU A 653 -8.35 32.89 -14.48
N PRO A 654 -8.58 31.61 -14.80
CA PRO A 654 -9.84 30.98 -14.43
C PRO A 654 -10.00 30.93 -12.92
N PRO A 655 -11.23 30.96 -12.42
CA PRO A 655 -11.44 30.93 -10.97
C PRO A 655 -11.02 29.62 -10.32
N GLN A 656 -11.00 28.51 -11.07
CA GLN A 656 -10.61 27.24 -10.48
C GLN A 656 -9.13 27.25 -10.08
N ILE A 657 -8.26 27.80 -10.94
CA ILE A 657 -6.84 27.81 -10.64
C ILE A 657 -6.55 28.68 -9.41
N VAL A 658 -7.14 29.88 -9.37
CA VAL A 658 -6.90 30.76 -8.23
C VAL A 658 -7.57 30.21 -6.98
N ARG A 659 -8.62 29.41 -7.14
CA ARG A 659 -9.22 28.75 -5.98
C ARG A 659 -8.36 27.59 -5.48
N ASP A 660 -7.57 26.98 -6.35
CA ASP A 660 -6.71 25.87 -5.95
C ASP A 660 -5.34 26.32 -5.47
N TRP A 661 -4.88 27.50 -5.85
CA TRP A 661 -3.54 27.96 -5.47
C TRP A 661 -3.56 28.90 -4.28
N ILE A 662 -4.33 29.99 -4.34
CA ILE A 662 -4.57 30.85 -3.19
C ILE A 662 -6.07 31.18 -3.15
N ALA A 663 -6.84 30.35 -2.46
CA ALA A 663 -8.26 30.61 -2.30
C ALA A 663 -8.55 31.65 -1.22
N PRO A 664 -8.17 31.42 0.04
CA PRO A 664 -8.67 32.29 1.12
C PRO A 664 -7.79 33.48 1.38
N ASP A 665 -8.12 34.25 2.42
CA ASP A 665 -7.18 35.21 2.98
C ASP A 665 -6.05 34.53 3.75
N GLY A 666 -6.03 33.20 3.77
CA GLY A 666 -4.95 32.34 4.22
C GLY A 666 -3.86 32.12 3.19
N ARG A 667 -2.94 33.08 3.05
CA ARG A 667 -2.16 33.33 1.85
C ARG A 667 -1.49 32.10 1.24
N ALA A 668 -1.10 32.23 -0.03
CA ALA A 668 -0.83 31.11 -0.93
C ALA A 668 0.15 30.10 -0.36
N LEU A 669 0.01 28.86 -0.82
CA LEU A 669 0.95 27.79 -0.54
C LEU A 669 1.87 27.63 -1.74
N VAL A 670 3.03 27.03 -1.53
CA VAL A 670 3.97 26.77 -2.61
C VAL A 670 4.30 25.28 -2.68
N GLN A 671 3.69 24.58 -3.63
CA GLN A 671 3.97 23.17 -3.83
C GLN A 671 5.38 22.99 -4.37
N ILE A 672 6.17 22.17 -3.68
CA ILE A 672 7.58 21.96 -4.00
C ILE A 672 7.81 20.49 -4.27
N SER A 673 8.41 20.20 -5.42
CA SER A 673 8.70 18.83 -5.84
C SER A 673 10.16 18.51 -5.54
N PRO A 674 10.58 17.24 -5.62
CA PRO A 674 12.01 16.93 -5.42
C PRO A 674 12.78 16.94 -6.73
N LYS A 675 14.07 17.25 -6.65
CA LYS A 675 14.91 17.27 -7.84
C LYS A 675 15.04 15.87 -8.45
N VAL A 676 14.88 15.79 -9.76
CA VAL A 676 15.02 14.54 -10.49
C VAL A 676 15.98 14.78 -11.65
N VAL A 677 16.92 13.85 -11.83
CA VAL A 677 17.88 13.90 -12.92
C VAL A 677 17.82 12.56 -13.66
N LYS A 678 18.11 12.61 -14.96
CA LYS A 678 18.05 11.42 -15.80
C LYS A 678 18.89 10.29 -15.23
N GLY A 679 18.27 9.12 -15.07
CA GLY A 679 18.92 7.98 -14.44
C GLY A 679 18.69 7.87 -12.95
N ALA A 680 18.01 8.84 -12.34
CA ALA A 680 17.76 8.85 -10.90
C ALA A 680 16.25 8.89 -10.62
N ASP A 681 15.50 8.02 -11.30
CA ASP A 681 14.04 7.93 -11.17
C ASP A 681 13.60 7.88 -9.72
N PRO A 682 12.36 8.30 -9.40
CA PRO A 682 11.94 8.39 -8.00
C PRO A 682 11.94 7.07 -7.25
N GLY A 683 12.29 5.98 -7.90
CA GLY A 683 12.41 4.70 -7.23
C GLY A 683 13.68 4.58 -6.40
N ASP A 684 13.88 5.53 -5.50
CA ASP A 684 15.08 5.58 -4.65
C ASP A 684 14.70 6.39 -3.41
N ASP A 685 14.53 5.71 -2.28
CA ASP A 685 14.08 6.39 -1.08
C ASP A 685 15.17 7.18 -0.39
N ALA A 686 16.44 6.86 -0.66
CA ALA A 686 17.53 7.58 0.00
C ALA A 686 17.58 9.04 -0.44
N MET A 687 17.47 9.30 -1.74
CA MET A 687 17.48 10.67 -2.22
C MET A 687 16.24 11.43 -1.77
N LEU A 688 15.11 10.75 -1.64
CA LEU A 688 13.92 11.39 -1.11
C LEU A 688 14.11 11.78 0.35
N ARG A 689 14.71 10.89 1.16
CA ARG A 689 14.98 11.22 2.56
C ARG A 689 15.95 12.39 2.66
N ARG A 690 16.99 12.39 1.83
CA ARG A 690 17.96 13.49 1.85
C ARG A 690 17.29 14.81 1.44
N PHE A 691 16.44 14.76 0.41
CA PHE A 691 15.70 15.94 -0.02
C PHE A 691 14.81 16.46 1.11
N ALA A 692 14.11 15.56 1.78
CA ALA A 692 13.24 15.96 2.88
C ALA A 692 14.04 16.61 4.00
N LYS A 693 15.16 15.99 4.39
CA LYS A 693 15.97 16.56 5.45
C LYS A 693 16.52 17.92 5.06
N ALA A 694 16.98 18.06 3.81
CA ALA A 694 17.54 19.34 3.35
C ALA A 694 16.49 20.43 3.37
N VAL A 695 15.29 20.14 2.85
CA VAL A 695 14.23 21.16 2.81
C VAL A 695 13.81 21.52 4.23
N LYS A 696 13.64 20.52 5.09
CA LYS A 696 13.24 20.79 6.47
C LYS A 696 14.29 21.64 7.18
N ALA A 697 15.58 21.42 6.86
CA ALA A 697 16.61 22.25 7.46
C ALA A 697 16.56 23.66 6.90
N ALA A 698 16.29 23.81 5.60
CA ALA A 698 16.18 25.13 5.01
C ALA A 698 15.04 25.92 5.62
N GLU A 699 13.81 25.43 5.44
CA GLU A 699 12.61 26.09 5.95
C GLU A 699 11.85 25.11 6.82
N PRO A 700 11.56 25.44 8.08
CA PRO A 700 10.92 24.44 8.96
C PRO A 700 9.47 24.16 8.60
N GLY A 701 8.74 25.16 8.14
CA GLY A 701 7.31 25.01 7.89
C GLY A 701 6.97 24.14 6.69
N ALA A 702 7.97 23.56 6.05
CA ALA A 702 7.75 22.75 4.85
C ALA A 702 7.34 21.32 5.23
N ILE A 703 6.30 21.24 6.04
CA ILE A 703 5.78 19.96 6.51
C ILE A 703 4.48 19.68 5.78
N GLY A 704 4.22 18.39 5.54
CA GLY A 704 3.00 17.93 4.90
C GLY A 704 3.23 16.99 3.74
N GLY A 705 4.32 17.20 2.99
CA GLY A 705 4.61 16.38 1.85
C GLY A 705 4.83 14.94 2.23
N PRO A 706 4.33 14.02 1.39
CA PRO A 706 4.59 12.60 1.64
C PRO A 706 6.06 12.24 1.70
N ILE A 707 6.94 13.12 1.22
CA ILE A 707 8.38 12.88 1.34
C ILE A 707 8.90 13.33 2.70
N SER A 708 8.26 14.31 3.32
CA SER A 708 8.65 14.80 4.64
C SER A 708 7.93 14.06 5.77
N ILE A 709 7.51 12.81 5.54
CA ILE A 709 6.90 12.00 6.60
C ILE A 709 7.93 11.32 7.47
N LEU A 710 9.22 11.65 7.31
CA LEU A 710 10.25 11.03 8.13
C LEU A 710 10.07 11.34 9.61
N HIS A 711 9.37 12.42 9.95
CA HIS A 711 9.09 12.69 11.36
C HIS A 711 8.23 11.60 11.96
N SER A 712 7.34 11.02 11.16
CA SER A 712 6.54 9.89 11.65
C SER A 712 7.42 8.69 11.97
N ALA A 713 8.37 8.37 11.09
CA ALA A 713 9.28 7.26 11.34
C ALA A 713 10.14 7.52 12.57
N ASP A 714 10.63 8.75 12.72
CA ASP A 714 11.40 9.09 13.92
C ASP A 714 10.55 8.93 15.18
N THR A 715 9.30 9.37 15.12
CA THR A 715 8.41 9.24 16.27
C THR A 715 8.19 7.77 16.62
N ILE A 716 7.91 6.93 15.61
CA ILE A 716 7.61 5.53 15.91
C ILE A 716 8.86 4.80 16.39
N ILE A 717 10.04 5.18 15.89
CA ILE A 717 11.24 4.48 16.35
C ILE A 717 11.60 4.89 17.77
N ARG A 718 11.38 6.17 18.11
CA ARG A 718 11.59 6.58 19.50
C ARG A 718 10.59 5.90 20.43
N ALA A 719 9.33 5.78 19.97
CA ALA A 719 8.32 5.11 20.78
C ALA A 719 8.66 3.64 20.99
N PHE A 720 9.14 2.97 19.93
CA PHE A 720 9.51 1.56 20.08
C PHE A 720 10.70 1.40 21.01
N LEU A 721 11.68 2.30 20.91
CA LEU A 721 12.83 2.23 21.82
C LEU A 721 12.39 2.36 23.27
N GLN A 722 11.60 3.39 23.57
CA GLN A 722 11.17 3.59 24.95
C GLN A 722 10.26 2.45 25.42
N ALA A 723 9.46 1.89 24.51
CA ALA A 723 8.57 0.80 24.89
C ALA A 723 9.34 -0.47 25.19
N ALA A 724 10.38 -0.77 24.39
CA ALA A 724 11.20 -1.93 24.69
C ALA A 724 11.94 -1.76 26.00
N ALA A 725 12.45 -0.55 26.25
CA ALA A 725 13.11 -0.28 27.53
C ALA A 725 12.17 -0.53 28.69
N LEU A 726 10.95 0.03 28.60
CA LEU A 726 9.98 -0.15 29.68
C LEU A 726 9.58 -1.61 29.84
N SER A 727 9.47 -2.34 28.73
CA SER A 727 9.12 -3.75 28.81
C SER A 727 10.19 -4.54 29.56
N VAL A 728 11.46 -4.31 29.20
CA VAL A 728 12.54 -5.01 29.88
C VAL A 728 12.55 -4.64 31.37
N VAL A 729 12.38 -3.37 31.69
CA VAL A 729 12.43 -2.94 33.09
C VAL A 729 11.28 -3.56 33.87
N SER A 730 10.08 -3.58 33.29
CA SER A 730 8.94 -4.14 34.00
C SER A 730 9.09 -5.65 34.19
N ILE A 731 9.55 -6.37 33.17
CA ILE A 731 9.71 -7.80 33.30
C ILE A 731 10.75 -8.13 34.36
N THR A 732 11.87 -7.39 34.38
CA THR A 732 12.90 -7.69 35.37
C THR A 732 12.45 -7.31 36.77
N VAL A 733 11.67 -6.24 36.93
CA VAL A 733 11.23 -5.89 38.27
C VAL A 733 10.18 -6.88 38.76
N LEU A 734 9.35 -7.42 37.87
CA LEU A 734 8.43 -8.48 38.26
C LEU A 734 9.19 -9.73 38.69
N LEU A 735 10.15 -10.16 37.86
CA LEU A 735 10.94 -11.33 38.22
C LEU A 735 11.66 -11.14 39.55
N TRP A 736 12.14 -9.92 39.83
CA TRP A 736 12.86 -9.69 41.07
C TRP A 736 11.93 -9.58 42.27
N ILE A 737 10.68 -9.13 42.07
CA ILE A 737 9.72 -9.17 43.17
C ILE A 737 9.18 -10.58 43.38
N THR A 738 9.42 -11.49 42.44
CA THR A 738 9.04 -12.88 42.62
C THR A 738 10.21 -13.84 42.82
N LEU A 739 11.44 -13.43 42.51
CA LEU A 739 12.63 -14.28 42.62
C LEU A 739 13.73 -13.52 43.36
N ARG A 740 13.38 -13.04 44.56
CA ARG A 740 14.09 -11.98 45.29
C ARG A 740 15.60 -11.93 45.09
N ARG A 741 16.30 -13.07 45.22
CA ARG A 741 17.74 -13.06 45.00
C ARG A 741 18.03 -12.99 43.50
N PHE A 742 18.77 -11.96 43.09
CA PHE A 742 18.90 -11.59 41.68
C PHE A 742 19.60 -12.64 40.84
N GLY A 743 20.17 -13.69 41.44
CA GLY A 743 20.68 -14.78 40.65
C GLY A 743 19.62 -15.40 39.77
N ASP A 744 18.42 -15.60 40.32
CA ASP A 744 17.35 -16.23 39.55
C ASP A 744 16.85 -15.31 38.44
N VAL A 745 16.83 -14.00 38.67
CA VAL A 745 16.37 -13.13 37.59
C VAL A 745 17.41 -13.04 36.50
N LEU A 746 18.70 -13.06 36.87
CA LEU A 746 19.75 -13.14 35.85
C LEU A 746 19.59 -14.41 35.02
N ARG A 747 19.34 -15.54 35.69
CA ARG A 747 19.10 -16.79 34.98
C ARG A 747 17.91 -16.67 34.03
N THR A 748 16.76 -16.24 34.55
CA THR A 748 15.55 -16.19 33.75
C THR A 748 15.63 -15.16 32.62
N LEU A 749 16.53 -14.17 32.72
CA LEU A 749 16.58 -13.09 31.76
C LEU A 749 17.66 -13.28 30.69
N VAL A 750 18.92 -13.42 31.10
CA VAL A 750 20.07 -13.36 30.20
C VAL A 750 19.85 -14.14 28.91
N PRO A 751 19.40 -15.40 28.96
CA PRO A 751 19.12 -16.11 27.69
C PRO A 751 18.08 -15.43 26.84
N LEU A 752 17.11 -14.74 27.43
CA LEU A 752 16.09 -14.07 26.63
C LEU A 752 16.67 -12.88 25.87
N LEU A 753 17.55 -12.11 26.51
CA LEU A 753 18.21 -11.03 25.79
C LEU A 753 19.14 -11.58 24.71
N VAL A 754 19.82 -12.68 24.99
CA VAL A 754 20.66 -13.32 23.97
C VAL A 754 19.80 -13.74 22.78
N SER A 755 18.61 -14.29 23.06
CA SER A 755 17.74 -14.73 21.96
C SER A 755 17.17 -13.55 21.20
N GLY A 756 16.92 -12.43 21.88
CA GLY A 756 16.51 -11.23 21.15
C GLY A 756 17.61 -10.72 20.23
N VAL A 757 18.86 -10.75 20.71
CA VAL A 757 19.99 -10.39 19.85
C VAL A 757 20.07 -11.33 18.65
N VAL A 758 19.87 -12.62 18.88
CA VAL A 758 19.88 -13.59 17.79
C VAL A 758 18.75 -13.30 16.81
N THR A 759 17.59 -12.89 17.32
CA THR A 759 16.46 -12.55 16.45
C THR A 759 16.80 -11.35 15.56
N LEU A 760 17.37 -10.30 16.15
CA LEU A 760 17.75 -9.14 15.37
C LEU A 760 18.82 -9.51 14.33
N GLU A 761 19.77 -10.35 14.71
CA GLU A 761 20.82 -10.76 13.77
C GLU A 761 20.24 -11.56 12.61
N LEU A 762 19.28 -12.45 12.89
CA LEU A 762 18.64 -13.21 11.82
C LEU A 762 17.82 -12.30 10.91
N CYS A 763 17.14 -11.31 11.49
CA CYS A 763 16.37 -10.37 10.68
C CYS A 763 17.28 -9.54 9.80
N VAL A 764 18.49 -9.22 10.26
CA VAL A 764 19.41 -8.48 9.42
C VAL A 764 20.04 -9.39 8.36
N LEU A 765 20.27 -10.66 8.70
CA LEU A 765 20.84 -11.59 7.71
C LEU A 765 19.86 -11.85 6.59
N LEU A 766 18.58 -12.03 6.90
CA LEU A 766 17.58 -12.23 5.86
C LEU A 766 17.37 -10.96 5.05
N GLY A 767 17.64 -9.79 5.61
CA GLY A 767 17.52 -8.54 4.91
C GLY A 767 16.19 -7.85 5.05
N MET A 768 15.22 -8.46 5.70
CA MET A 768 13.90 -7.85 5.84
C MET A 768 13.99 -6.67 6.80
N PRO A 769 13.47 -5.50 6.45
CA PRO A 769 13.52 -4.34 7.34
C PRO A 769 12.30 -4.24 8.24
N LEU A 770 12.51 -3.64 9.40
CA LEU A 770 11.41 -3.36 10.30
C LEU A 770 10.57 -2.21 9.74
N ASN A 771 9.27 -2.24 10.04
CA ASN A 771 8.35 -1.24 9.53
C ASN A 771 7.36 -0.89 10.62
N PHE A 772 6.27 -0.22 10.22
CA PHE A 772 5.31 0.31 11.19
C PHE A 772 4.65 -0.82 11.98
N ALA A 773 4.14 -1.83 11.28
CA ALA A 773 3.39 -2.92 11.90
C ALA A 773 4.22 -4.19 12.03
N ASN A 774 5.55 -4.09 12.03
CA ASN A 774 6.43 -5.23 12.16
C ASN A 774 7.47 -4.99 13.25
N ILE A 775 7.12 -4.21 14.26
CA ILE A 775 8.07 -3.76 15.27
C ILE A 775 7.72 -4.24 16.67
N ILE A 776 6.62 -5.00 16.81
CA ILE A 776 6.16 -5.46 18.11
C ILE A 776 6.69 -6.84 18.47
N ALA A 777 7.46 -7.49 17.59
CA ALA A 777 7.86 -8.87 17.83
C ALA A 777 8.80 -8.98 19.03
N LEU A 778 9.69 -8.01 19.20
CA LEU A 778 10.73 -8.15 20.23
C LEU A 778 10.14 -8.22 21.64
N PRO A 779 9.36 -7.25 22.12
CA PRO A 779 8.87 -7.37 23.51
C PRO A 779 7.85 -8.47 23.68
N LEU A 780 7.01 -8.71 22.66
CA LEU A 780 6.04 -9.80 22.74
C LEU A 780 6.75 -11.13 22.95
N MET A 781 7.78 -11.40 22.12
CA MET A 781 8.49 -12.67 22.25
C MET A 781 9.35 -12.70 23.51
N LEU A 782 9.82 -11.54 23.99
CA LEU A 782 10.51 -11.52 25.27
C LEU A 782 9.58 -11.95 26.40
N GLY A 783 8.37 -11.42 26.41
CA GLY A 783 7.40 -11.84 27.42
C GLY A 783 7.03 -13.30 27.30
N VAL A 784 6.85 -13.79 26.06
CA VAL A 784 6.51 -15.19 25.86
C VAL A 784 7.64 -16.09 26.35
N GLY A 785 8.89 -15.72 26.06
CA GLY A 785 10.01 -16.52 26.52
C GLY A 785 10.16 -16.48 28.03
N VAL A 786 9.87 -15.33 28.65
CA VAL A 786 9.92 -15.26 30.11
C VAL A 786 8.84 -16.14 30.72
N ALA A 787 7.65 -16.17 30.09
CA ALA A 787 6.61 -17.09 30.55
C ALA A 787 7.06 -18.54 30.42
N PHE A 788 7.72 -18.88 29.33
CA PHE A 788 8.21 -20.25 29.16
C PHE A 788 9.26 -20.59 30.21
N LYS A 789 10.15 -19.65 30.52
CA LYS A 789 11.18 -19.91 31.51
C LYS A 789 10.61 -20.02 32.92
N VAL A 790 9.57 -19.26 33.24
CA VAL A 790 8.97 -19.40 34.56
C VAL A 790 8.10 -20.65 34.64
N TYR A 791 7.60 -21.15 33.51
CA TYR A 791 7.03 -22.50 33.51
C TYR A 791 8.10 -23.54 33.80
N PHE A 792 9.26 -23.41 33.14
CA PHE A 792 10.31 -24.41 33.28
C PHE A 792 10.96 -24.39 34.65
N VAL A 793 11.02 -23.23 35.31
CA VAL A 793 11.61 -23.15 36.64
C VAL A 793 10.80 -23.93 37.66
N MET A 794 9.56 -24.30 37.33
CA MET A 794 8.75 -25.16 38.17
C MET A 794 8.56 -26.56 37.62
N ALA A 795 8.66 -26.73 36.29
CA ALA A 795 8.41 -28.04 35.69
C ALA A 795 9.48 -29.05 36.07
N TRP A 796 10.75 -28.75 35.78
CA TRP A 796 11.83 -29.70 35.95
C TRP A 796 12.36 -29.75 37.39
N ARG A 797 11.57 -29.30 38.37
CA ARG A 797 12.02 -29.34 39.75
C ARG A 797 12.33 -30.77 40.23
N ALA A 798 11.66 -31.76 39.63
CA ALA A 798 11.91 -33.15 40.00
C ALA A 798 13.12 -33.74 39.29
N GLY A 799 13.60 -33.11 38.23
CA GLY A 799 14.75 -33.62 37.49
C GLY A 799 14.84 -32.99 36.13
N GLN A 800 16.04 -33.03 35.57
CA GLN A 800 16.32 -32.44 34.26
C GLN A 800 16.26 -33.55 33.21
N THR A 801 15.04 -33.91 32.83
CA THR A 801 14.80 -34.92 31.81
C THR A 801 14.60 -34.23 30.46
N GLY A 802 15.01 -34.90 29.39
CA GLY A 802 14.77 -34.39 28.05
C GLY A 802 13.29 -34.21 27.78
N LEU A 803 13.02 -33.49 26.69
CA LEU A 803 11.64 -33.14 26.32
C LEU A 803 11.11 -34.16 25.31
N LEU A 804 11.00 -35.40 25.76
CA LEU A 804 10.58 -36.50 24.90
C LEU A 804 9.55 -37.35 25.62
N GLN A 805 8.72 -38.02 24.81
CA GLN A 805 7.78 -39.05 25.28
C GLN A 805 6.83 -38.50 26.35
N SER A 806 6.07 -37.48 25.96
CA SER A 806 5.06 -36.85 26.82
C SER A 806 5.69 -36.39 28.14
N SER A 807 6.73 -35.57 28.03
CA SER A 807 7.42 -35.06 29.20
C SER A 807 6.53 -34.11 29.99
N LEU A 808 7.00 -33.73 31.17
CA LEU A 808 6.26 -32.77 31.99
C LEU A 808 6.19 -31.39 31.35
N THR A 809 7.05 -31.10 30.38
CA THR A 809 7.00 -29.87 29.62
C THR A 809 6.31 -30.05 28.28
N HIS A 810 5.62 -31.17 28.06
CA HIS A 810 4.90 -31.38 26.81
C HIS A 810 3.76 -30.38 26.67
N ALA A 811 3.18 -29.94 27.79
CA ALA A 811 2.16 -28.90 27.74
C ALA A 811 2.74 -27.60 27.19
N VAL A 812 3.91 -27.20 27.69
CA VAL A 812 4.55 -25.99 27.20
C VAL A 812 4.96 -26.17 25.74
N LEU A 813 5.37 -27.37 25.36
CA LEU A 813 5.72 -27.63 23.96
C LEU A 813 4.49 -27.48 23.06
N PHE A 814 3.34 -27.97 23.51
CA PHE A 814 2.11 -27.81 22.73
C PHE A 814 1.68 -26.36 22.66
N SER A 815 1.85 -25.62 23.76
CA SER A 815 1.59 -24.18 23.72
C SER A 815 2.47 -23.49 22.69
N ALA A 816 3.75 -23.85 22.66
CA ALA A 816 4.67 -23.28 21.68
C ALA A 816 4.24 -23.62 20.25
N ALA A 817 3.84 -24.88 20.03
CA ALA A 817 3.41 -25.28 18.70
C ALA A 817 2.16 -24.52 18.27
N THR A 818 1.22 -24.33 19.21
CA THR A 818 0.00 -23.59 18.89
C THR A 818 0.31 -22.14 18.57
N THR A 819 1.16 -21.50 19.38
CA THR A 819 1.53 -20.12 19.11
C THR A 819 2.24 -19.99 17.77
N ALA A 820 3.13 -20.93 17.45
CA ALA A 820 3.84 -20.90 16.19
C ALA A 820 2.88 -21.06 15.01
N THR A 821 1.93 -21.98 15.11
CA THR A 821 0.99 -22.17 14.02
C THR A 821 0.05 -20.98 13.88
N ALA A 822 -0.31 -20.33 14.99
CA ALA A 822 -1.12 -19.13 14.90
C ALA A 822 -0.36 -17.98 14.24
N PHE A 823 0.94 -17.87 14.56
CA PHE A 823 1.76 -16.86 13.89
C PHE A 823 1.88 -17.16 12.41
N GLY A 824 2.03 -18.44 12.04
CA GLY A 824 2.07 -18.81 10.65
C GLY A 824 0.76 -18.55 9.93
N SER A 825 -0.36 -18.67 10.63
CA SER A 825 -1.65 -18.32 10.04
C SER A 825 -1.77 -16.81 9.85
N LEU A 826 -1.29 -16.03 10.82
CA LEU A 826 -1.28 -14.59 10.66
C LEU A 826 -0.32 -14.16 9.55
N TRP A 827 0.67 -14.98 9.26
CA TRP A 827 1.59 -14.70 8.15
C TRP A 827 0.82 -14.63 6.82
N LEU A 828 0.18 -15.72 6.45
CA LEU A 828 -0.59 -15.78 5.21
C LEU A 828 -1.88 -15.00 5.41
N SER A 829 -1.88 -13.73 5.00
CA SER A 829 -3.05 -12.88 5.18
C SER A 829 -3.35 -12.00 3.97
N HIS A 830 -2.62 -12.16 2.86
CA HIS A 830 -2.79 -11.34 1.67
C HIS A 830 -2.66 -9.85 1.97
N HIS A 831 -1.81 -9.51 2.93
CA HIS A 831 -1.59 -8.12 3.32
C HIS A 831 -0.20 -7.98 3.90
N PRO A 832 0.70 -7.22 3.25
CA PRO A 832 2.08 -7.14 3.75
C PRO A 832 2.20 -6.57 5.15
N GLY A 833 1.34 -5.60 5.50
CA GLY A 833 1.39 -5.01 6.83
C GLY A 833 1.21 -6.04 7.94
N THR A 834 0.55 -7.15 7.65
CA THR A 834 0.44 -8.26 8.59
C THR A 834 1.30 -9.45 8.22
N ALA A 835 1.63 -9.62 6.93
CA ALA A 835 2.50 -10.73 6.54
C ALA A 835 3.90 -10.56 7.10
N SER A 836 4.44 -9.34 7.06
CA SER A 836 5.75 -9.10 7.67
C SER A 836 5.71 -9.33 9.17
N MET A 837 4.64 -8.85 9.83
CA MET A 837 4.48 -9.08 11.26
C MET A 837 4.47 -10.57 11.57
N GLY A 838 3.73 -11.35 10.79
CA GLY A 838 3.65 -12.78 11.03
C GLY A 838 4.97 -13.50 10.82
N ARG A 839 5.67 -13.18 9.73
CA ARG A 839 6.94 -13.85 9.48
C ARG A 839 7.98 -13.49 10.54
N LEU A 840 7.99 -12.23 10.98
CA LEU A 840 8.95 -11.86 12.02
C LEU A 840 8.59 -12.51 13.35
N LEU A 841 7.29 -12.60 13.66
CA LEU A 841 6.88 -13.31 14.87
C LEU A 841 7.31 -14.77 14.82
N ALA A 842 7.15 -15.40 13.66
CA ALA A 842 7.52 -16.81 13.54
C ALA A 842 9.02 -17.00 13.72
N LEU A 843 9.82 -16.16 13.05
CA LEU A 843 11.27 -16.27 13.19
C LEU A 843 11.70 -16.02 14.63
N ALA A 844 11.11 -15.00 15.26
CA ALA A 844 11.45 -14.68 16.64
C ALA A 844 11.13 -15.83 17.57
N LEU A 845 9.96 -16.45 17.41
CA LEU A 845 9.61 -17.60 18.22
C LEU A 845 10.61 -18.73 17.98
N SER A 846 10.92 -18.99 16.70
CA SER A 846 11.80 -20.11 16.36
C SER A 846 13.17 -19.95 17.02
N CYS A 847 13.68 -18.72 17.10
CA CYS A 847 15.00 -18.54 17.70
C CYS A 847 14.90 -18.52 19.23
N THR A 848 13.92 -17.80 19.78
CA THR A 848 13.87 -17.64 21.23
C THR A 848 13.50 -18.94 21.93
N LEU A 849 12.80 -19.85 21.26
CA LEU A 849 12.48 -21.13 21.88
C LEU A 849 13.75 -21.89 22.21
N ILE A 850 14.62 -22.10 21.22
CA ILE A 850 15.87 -22.80 21.48
C ILE A 850 16.78 -21.97 22.38
N GLY A 851 16.71 -20.64 22.28
CA GLY A 851 17.53 -19.81 23.13
C GLY A 851 17.16 -19.92 24.59
N ALA A 852 15.88 -20.17 24.88
CA ALA A 852 15.45 -20.30 26.26
C ALA A 852 15.52 -21.74 26.74
N VAL A 853 15.56 -22.69 25.81
CA VAL A 853 15.62 -24.11 26.17
C VAL A 853 17.07 -24.58 26.36
N VAL A 854 17.92 -24.41 25.34
CA VAL A 854 19.26 -24.99 25.40
C VAL A 854 20.15 -24.27 26.40
N PHE A 855 19.73 -23.11 26.90
CA PHE A 855 20.48 -22.41 27.94
C PHE A 855 20.00 -22.84 29.33
N GLN A 856 20.01 -24.15 29.53
CA GLN A 856 19.58 -24.76 30.78
C GLN A 856 20.52 -24.48 31.94
N PRO A 857 21.85 -24.44 31.75
CA PRO A 857 22.72 -24.04 32.86
C PRO A 857 22.44 -22.64 33.39
N VAL A 858 21.76 -21.80 32.61
CA VAL A 858 21.46 -20.44 33.01
C VAL A 858 19.94 -20.26 33.22
N LEU A 859 19.26 -21.33 33.63
CA LEU A 859 17.87 -21.22 34.07
C LEU A 859 17.55 -22.00 35.33
N MET A 860 18.46 -22.83 35.81
CA MET A 860 18.21 -23.63 37.01
C MET A 860 19.53 -24.11 37.60
#